data_8D73
#
_entry.id   8D73
#
_cell.length_a   41.689
_cell.length_b   49.448
_cell.length_c   86.119
_cell.angle_alpha   103.200
_cell.angle_beta   101.570
_cell.angle_gamma   90.050
#
_symmetry.space_group_name_H-M   'P 1'
#
loop_
_entity.id
_entity.type
_entity.pdbx_description
1 polymer 'Epidermal growth factor receptor'
2 non-polymer GLYCEROL
3 non-polymer (3S,4R)-3-fluoro-1-(4-{[4-(methylamino)-1-(propan-2-yl)pyrido[3,4-d]pyridazin-7-yl]amino}pyrimidin-2-yl)piperidin-4-ol
4 water water
#
_entity_poly.entity_id   1
_entity_poly.type   'polypeptide(L)'
_entity_poly.pdbx_seq_one_letter_code
;MGSSHHHHHHSSGENLYFQGSGEAPNQALLRILKETEFKKIKVLGSGAFGTVYKGLWIPEGEKVKIPVAIKELREATSPK
ANKEILDEAYVMASVDNPHVCRLLGICLTSTVQLIMQLMPFGCLLDYVREHKDNIGSQYLLNWCVQIAKGMNYLEDRRLV
HRDLAARNVLVKTPQHVKITDFGRAKLLGAEEKEYHAEGGKVPIKWMALESILHRIYTHQSDVWSYGVTVWELMTFGSKP
YDGIPASEISSILEKGERLPQPPICTIDVYMIMRKCWMIDADSRPKFRELIIEFSKMARDPQRYLVIQGDERMHLPSPTD
SNFYRALMDEEDMDDVVDADEYLIPQQG
;
_entity_poly.pdbx_strand_id   A,B
#
loop_
_chem_comp.id
_chem_comp.type
_chem_comp.name
_chem_comp.formula
GOL non-polymer GLYCEROL 'C3 H8 O3'
QCR non-polymer (3S,4R)-3-fluoro-1-(4-{[4-(methylamino)-1-(propan-2-yl)pyrido[3,4-d]pyridazin-7-yl]amino}pyrimidin-2-yl)piperidin-4-ol 'C20 H25 F N8 O'
#
# COMPACT_ATOMS: atom_id res chain seq x y z
N LEU A 29 28.48 2.53 -7.96
CA LEU A 29 27.98 3.84 -8.47
C LEU A 29 26.67 4.30 -7.77
N LEU A 30 26.39 3.76 -6.59
CA LEU A 30 25.33 4.26 -5.71
C LEU A 30 25.73 5.56 -5.05
N ARG A 31 24.97 6.63 -5.31
CA ARG A 31 25.08 7.88 -4.55
C ARG A 31 24.13 7.81 -3.35
N ILE A 32 24.70 7.60 -2.16
CA ILE A 32 23.93 7.45 -0.94
C ILE A 32 23.70 8.84 -0.32
N LEU A 33 22.44 9.27 -0.27
CA LEU A 33 22.06 10.59 0.26
C LEU A 33 21.30 10.47 1.58
N LYS A 34 21.21 11.60 2.29
CA LYS A 34 20.43 11.68 3.51
C LYS A 34 18.94 11.79 3.18
N GLU A 35 18.13 11.04 3.94
CA GLU A 35 16.66 11.04 3.87
C GLU A 35 16.04 12.42 4.09
N THR A 36 16.65 13.20 5.00
CA THR A 36 16.28 14.58 5.33
C THR A 36 16.39 15.58 4.16
N GLU A 37 17.17 15.26 3.14
CA GLU A 37 17.25 16.10 1.96
C GLU A 37 16.02 16.00 1.03
N PHE A 38 15.06 15.11 1.35
CA PHE A 38 13.87 14.89 0.49
C PHE A 38 12.52 15.08 1.21
N LYS A 39 11.62 15.87 0.59
CA LYS A 39 10.24 16.01 1.06
C LYS A 39 9.33 15.28 0.07
N LYS A 40 8.42 14.44 0.57
CA LYS A 40 7.43 13.79 -0.29
C LYS A 40 6.28 14.76 -0.47
N ILE A 41 5.80 14.88 -1.69
CA ILE A 41 4.73 15.83 -2.06
C ILE A 41 3.42 15.11 -2.32
N LYS A 42 3.48 14.05 -3.11
CA LYS A 42 2.27 13.44 -3.64
C LYS A 42 2.55 11.97 -4.00
N VAL A 43 1.53 11.13 -3.83
CA VAL A 43 1.61 9.72 -4.15
C VAL A 43 1.28 9.54 -5.62
N LEU A 44 2.15 8.86 -6.35
CA LEU A 44 1.97 8.58 -7.78
C LEU A 44 1.53 7.15 -8.07
N GLY A 45 1.90 6.23 -7.18
CA GLY A 45 1.40 4.88 -7.24
C GLY A 45 1.81 4.08 -6.03
N SER A 46 1.01 3.06 -5.72
CA SER A 46 1.34 2.12 -4.64
C SER A 46 0.89 0.72 -5.03
N GLY A 47 1.71 -0.26 -4.67
CA GLY A 47 1.44 -1.68 -4.86
C GLY A 47 1.92 -2.38 -3.61
N ALA A 48 1.92 -3.70 -3.63
CA ALA A 48 2.34 -4.50 -2.46
C ALA A 48 3.82 -4.30 -2.10
N PHE A 49 4.67 -4.12 -3.11
CA PHE A 49 6.11 -3.94 -2.88
C PHE A 49 6.44 -2.58 -2.26
N GLY A 50 5.78 -1.52 -2.73
CA GLY A 50 5.86 -0.21 -2.09
C GLY A 50 5.10 0.92 -2.76
N THR A 51 5.57 2.14 -2.49
CA THR A 51 4.95 3.38 -2.96
C THR A 51 5.91 4.21 -3.82
N VAL A 52 5.39 4.82 -4.89
CA VAL A 52 6.13 5.86 -5.65
C VAL A 52 5.60 7.27 -5.34
N TYR A 53 6.47 8.15 -4.85
CA TYR A 53 6.08 9.53 -4.61
C TYR A 53 6.72 10.49 -5.60
N LYS A 54 5.99 11.56 -5.88
CA LYS A 54 6.62 12.80 -6.35
C LYS A 54 7.25 13.48 -5.13
N GLY A 55 8.54 13.73 -5.16
CA GLY A 55 9.25 14.49 -4.10
C GLY A 55 10.07 15.68 -4.59
N LEU A 56 10.56 16.48 -3.64
CA LEU A 56 11.46 17.59 -3.88
C LEU A 56 12.78 17.32 -3.18
N TRP A 57 13.88 17.41 -3.93
CA TRP A 57 15.21 17.47 -3.32
C TRP A 57 15.45 18.87 -2.76
N ILE A 58 15.66 18.96 -1.45
CA ILE A 58 15.92 20.22 -0.75
C ILE A 58 17.20 20.04 0.08
N PRO A 59 18.38 20.23 -0.55
CA PRO A 59 19.67 20.16 0.17
C PRO A 59 20.09 21.42 0.94
N GLU A 60 19.47 22.59 0.67
CA GLU A 60 19.89 23.88 1.24
C GLU A 60 18.72 24.68 1.81
N GLY A 61 18.10 24.17 2.87
CA GLY A 61 17.02 24.90 3.55
C GLY A 61 15.79 25.17 2.72
N GLU A 62 15.79 26.29 1.99
CA GLU A 62 14.64 26.72 1.17
C GLU A 62 15.02 27.32 -0.20
N LYS A 63 16.28 27.19 -0.62
CA LYS A 63 16.80 27.88 -1.79
C LYS A 63 16.84 27.00 -3.06
N VAL A 64 16.89 25.68 -2.90
CA VAL A 64 16.84 24.72 -4.02
C VAL A 64 15.71 23.72 -3.75
N LYS A 65 14.85 23.51 -4.74
CA LYS A 65 13.74 22.53 -4.63
C LYS A 65 13.55 21.85 -6.00
N ILE A 66 14.10 20.66 -6.15
CA ILE A 66 14.18 20.01 -7.48
C ILE A 66 13.29 18.76 -7.51
N PRO A 67 12.27 18.74 -8.38
CA PRO A 67 11.37 17.60 -8.54
C PRO A 67 12.02 16.25 -8.85
N VAL A 68 11.60 15.21 -8.11
CA VAL A 68 12.05 13.82 -8.30
C VAL A 68 10.95 12.79 -8.00
N ALA A 69 11.15 11.57 -8.51
CA ALA A 69 10.31 10.42 -8.13
C ALA A 69 11.09 9.66 -7.07
N ILE A 70 10.38 9.19 -6.06
CA ILE A 70 10.96 8.42 -4.97
C ILE A 70 10.16 7.14 -4.81
N LYS A 71 10.80 5.99 -5.04
CA LYS A 71 10.21 4.68 -4.72
C LYS A 71 10.63 4.23 -3.33
N GLU A 72 9.67 3.97 -2.45
CA GLU A 72 9.96 3.59 -1.06
C GLU A 72 9.53 2.16 -0.76
N LEU A 73 10.44 1.41 -0.16
CA LEU A 73 10.17 0.03 0.25
C LEU A 73 9.20 0.02 1.43
N ARG A 74 8.12 -0.75 1.30
CA ARG A 74 7.12 -0.88 2.40
C ARG A 74 7.62 -1.74 3.55
N GLU A 75 8.06 -2.96 3.21
CA GLU A 75 8.49 -3.97 4.18
CA GLU A 75 8.48 -3.97 4.18
C GLU A 75 9.94 -3.76 4.57
N ALA A 76 10.19 -2.69 5.33
CA ALA A 76 11.56 -2.22 5.64
C ALA A 76 12.46 -3.26 6.31
N THR A 77 11.86 -4.18 7.04
CA THR A 77 12.62 -5.17 7.81
C THR A 77 12.77 -6.52 7.10
N SER A 78 11.99 -6.75 6.03
CA SER A 78 12.08 -8.00 5.26
C SER A 78 13.38 -8.15 4.50
N PRO A 79 14.19 -9.18 4.84
CA PRO A 79 15.44 -9.39 4.12
C PRO A 79 15.26 -9.70 2.65
N LYS A 80 14.23 -10.48 2.32
CA LYS A 80 13.92 -10.75 0.92
C LYS A 80 13.51 -9.45 0.15
N ALA A 81 12.71 -8.59 0.77
CA ALA A 81 12.30 -7.32 0.11
C ALA A 81 13.46 -6.32 -0.01
N ASN A 82 14.30 -6.24 1.02
CA ASN A 82 15.52 -5.46 0.93
C ASN A 82 16.44 -5.95 -0.20
N LYS A 83 16.74 -7.23 -0.23
CA LYS A 83 17.45 -7.88 -1.36
C LYS A 83 16.88 -7.45 -2.72
N GLU A 84 15.57 -7.48 -2.88
CA GLU A 84 14.94 -7.16 -4.17
C GLU A 84 15.14 -5.71 -4.60
N ILE A 85 14.89 -4.75 -3.71
CA ILE A 85 15.02 -3.36 -4.07
C ILE A 85 16.49 -2.93 -4.26
N LEU A 86 17.41 -3.62 -3.58
CA LEU A 86 18.84 -3.31 -3.69
C LEU A 86 19.43 -3.88 -4.96
N ASP A 87 19.00 -5.06 -5.36
CA ASP A 87 19.34 -5.59 -6.68
C ASP A 87 18.85 -4.64 -7.79
N GLU A 88 17.58 -4.23 -7.71
CA GLU A 88 17.00 -3.21 -8.60
C GLU A 88 17.84 -1.95 -8.68
N ALA A 89 18.19 -1.39 -7.53
CA ALA A 89 19.03 -0.22 -7.44
C ALA A 89 20.39 -0.39 -8.12
N TYR A 90 21.05 -1.52 -7.88
CA TYR A 90 22.34 -1.85 -8.49
C TYR A 90 22.25 -1.87 -10.03
N VAL A 91 21.28 -2.62 -10.58
CA VAL A 91 21.16 -2.69 -12.06
C VAL A 91 20.89 -1.28 -12.58
N MET A 92 19.89 -0.62 -12.01
CA MET A 92 19.50 0.75 -12.39
C MET A 92 20.60 1.82 -12.28
N ALA A 93 21.53 1.61 -11.39
CA ALA A 93 22.64 2.55 -11.20
C ALA A 93 23.78 2.32 -12.22
N SER A 94 23.80 1.17 -12.87
CA SER A 94 24.85 0.86 -13.84
C SER A 94 24.44 1.08 -15.31
N VAL A 95 23.28 1.68 -15.56
CA VAL A 95 22.80 1.93 -16.92
C VAL A 95 22.90 3.40 -17.26
N ASP A 96 23.13 3.69 -18.53
CA ASP A 96 23.22 5.08 -19.02
C ASP A 96 22.93 5.15 -20.52
N ASN A 97 21.66 5.40 -20.85
CA ASN A 97 21.19 5.44 -22.22
C ASN A 97 19.89 6.26 -22.25
N PRO A 98 19.61 6.99 -23.37
CA PRO A 98 18.37 7.76 -23.38
C PRO A 98 17.07 6.95 -23.39
N HIS A 99 17.10 5.66 -23.73
CA HIS A 99 15.87 4.83 -23.70
C HIS A 99 15.82 3.83 -22.54
N VAL A 100 16.44 4.22 -21.42
CA VAL A 100 16.61 3.39 -20.25
C VAL A 100 16.60 4.34 -19.04
N CYS A 101 15.92 3.93 -17.98
CA CYS A 101 15.82 4.70 -16.77
C CYS A 101 16.98 4.39 -15.87
N ARG A 102 17.58 5.41 -15.25
CA ARG A 102 18.68 5.18 -14.32
C ARG A 102 18.43 5.76 -12.93
N LEU A 103 19.21 5.27 -11.99
CA LEU A 103 19.07 5.61 -10.58
C LEU A 103 19.88 6.87 -10.31
N LEU A 104 19.20 7.93 -9.91
CA LEU A 104 19.86 9.17 -9.52
C LEU A 104 20.47 9.06 -8.13
N GLY A 105 19.79 8.37 -7.21
CA GLY A 105 20.31 8.19 -5.84
C GLY A 105 19.55 7.18 -5.00
N ILE A 106 20.05 6.96 -3.79
CA ILE A 106 19.46 6.04 -2.82
C ILE A 106 19.56 6.63 -1.40
N CYS A 107 18.58 6.33 -0.56
CA CYS A 107 18.61 6.65 0.87
C CYS A 107 18.46 5.31 1.58
N LEU A 108 19.27 5.09 2.62
CA LEU A 108 19.36 3.80 3.32
C LEU A 108 19.28 3.96 4.84
N THR A 109 18.19 4.55 5.32
CA THR A 109 17.94 4.70 6.77
C THR A 109 17.20 3.46 7.32
N SER A 110 15.98 3.62 7.85
CA SER A 110 15.21 2.50 8.38
C SER A 110 14.58 1.66 7.25
N THR A 111 14.37 2.30 6.09
CA THR A 111 13.99 1.60 4.86
C THR A 111 14.88 2.07 3.69
N VAL A 112 14.63 1.54 2.49
CA VAL A 112 15.32 1.91 1.26
C VAL A 112 14.41 2.84 0.43
N GLN A 113 14.97 3.92 -0.12
CA GLN A 113 14.24 4.79 -1.08
C GLN A 113 15.09 5.08 -2.31
N LEU A 114 14.59 4.73 -3.48
CA LEU A 114 15.30 4.94 -4.72
C LEU A 114 14.91 6.30 -5.21
N ILE A 115 15.90 7.07 -5.64
CA ILE A 115 15.63 8.41 -6.15
C ILE A 115 15.79 8.40 -7.66
N MET A 116 14.74 8.83 -8.36
CA MET A 116 14.59 8.60 -9.79
C MET A 116 14.09 9.86 -10.50
N GLN A 117 14.27 9.90 -11.81
CA GLN A 117 13.72 10.93 -12.66
C GLN A 117 12.20 10.99 -12.57
N LEU A 118 11.67 12.18 -12.31
CA LEU A 118 10.25 12.43 -12.35
C LEU A 118 9.80 12.62 -13.79
N MET A 119 8.86 11.77 -14.22
CA MET A 119 8.21 11.86 -15.51
C MET A 119 6.87 12.63 -15.37
N PRO A 120 6.40 13.32 -16.43
CA PRO A 120 5.04 13.87 -16.39
C PRO A 120 3.94 12.81 -16.52
N PHE A 121 4.26 11.69 -17.15
CA PHE A 121 3.31 10.62 -17.36
C PHE A 121 3.80 9.34 -16.69
N GLY A 122 2.91 8.39 -16.49
CA GLY A 122 3.29 7.10 -15.92
C GLY A 122 3.76 6.14 -17.00
N CYS A 123 3.35 4.88 -16.88
CA CYS A 123 3.75 3.84 -17.79
C CYS A 123 3.00 3.89 -19.11
N LEU A 124 3.64 3.29 -20.11
CA LEU A 124 3.11 3.27 -21.44
C LEU A 124 1.83 2.46 -21.54
N LEU A 125 1.73 1.35 -20.80
CA LEU A 125 0.49 0.58 -20.80
C LEU A 125 -0.70 1.42 -20.41
N ASP A 126 -0.62 2.10 -19.27
CA ASP A 126 -1.67 3.02 -18.86
C ASP A 126 -1.85 4.15 -19.87
N TYR A 127 -0.75 4.66 -20.41
CA TYR A 127 -0.82 5.68 -21.45
C TYR A 127 -1.65 5.27 -22.70
N VAL A 128 -1.38 4.07 -23.22
CA VAL A 128 -2.06 3.63 -24.46
C VAL A 128 -3.53 3.31 -24.25
N ARG A 129 -3.90 2.94 -23.04
CA ARG A 129 -5.29 2.71 -22.72
C ARG A 129 -6.06 4.02 -22.60
N GLU A 130 -5.46 4.98 -21.91
CA GLU A 130 -6.07 6.30 -21.70
C GLU A 130 -6.12 7.22 -22.93
N HIS A 131 -5.12 7.17 -23.80
CA HIS A 131 -5.01 8.08 -24.95
C HIS A 131 -5.22 7.37 -26.31
N LYS A 132 -5.90 6.22 -26.28
CA LYS A 132 -6.19 5.39 -27.48
C LYS A 132 -6.68 6.20 -28.69
N ASP A 133 -7.63 7.10 -28.44
CA ASP A 133 -8.33 7.87 -29.49
C ASP A 133 -7.45 8.83 -30.30
N ASN A 134 -6.28 9.20 -29.77
CA ASN A 134 -5.35 10.16 -30.43
C ASN A 134 -3.94 9.62 -30.66
N ILE A 135 -3.78 8.28 -30.61
CA ILE A 135 -2.47 7.63 -30.84
C ILE A 135 -2.42 7.11 -32.28
N GLY A 136 -1.56 7.69 -33.10
CA GLY A 136 -1.39 7.30 -34.49
C GLY A 136 -0.23 6.36 -34.72
N SER A 137 -0.09 5.94 -35.98
CA SER A 137 0.87 4.95 -36.42
C SER A 137 2.34 5.35 -36.27
N GLN A 138 2.64 6.63 -36.46
CA GLN A 138 4.01 7.14 -36.24
C GLN A 138 4.47 7.02 -34.79
N TYR A 139 3.55 7.23 -33.84
CA TYR A 139 3.87 7.13 -32.42
C TYR A 139 4.10 5.68 -32.01
N LEU A 140 3.19 4.80 -32.43
CA LEU A 140 3.30 3.36 -32.13
C LEU A 140 4.60 2.78 -32.64
N LEU A 141 5.02 3.17 -33.84
CA LEU A 141 6.25 2.66 -34.44
C LEU A 141 7.52 3.28 -33.86
N ASN A 142 7.49 4.58 -33.54
CA ASN A 142 8.63 5.17 -32.82
C ASN A 142 8.86 4.47 -31.48
N TRP A 143 7.78 4.16 -30.76
CA TRP A 143 7.85 3.46 -29.48
C TRP A 143 8.51 2.09 -29.59
N CYS A 144 8.16 1.35 -30.67
CA CYS A 144 8.80 0.08 -30.99
C CYS A 144 10.30 0.20 -31.21
N VAL A 145 10.70 1.14 -32.05
CA VAL A 145 12.10 1.46 -32.25
C VAL A 145 12.83 1.82 -30.92
N GLN A 146 12.21 2.68 -30.11
CA GLN A 146 12.87 3.17 -28.91
C GLN A 146 13.12 2.10 -27.86
N ILE A 147 12.14 1.21 -27.70
CA ILE A 147 12.21 0.05 -26.78
C ILE A 147 13.26 -0.97 -27.26
N ALA A 148 13.29 -1.22 -28.57
CA ALA A 148 14.33 -2.06 -29.16
C ALA A 148 15.74 -1.48 -28.95
N LYS A 149 15.88 -0.17 -29.13
CA LYS A 149 17.14 0.54 -28.88
C LYS A 149 17.58 0.43 -27.42
N GLY A 150 16.64 0.64 -26.52
CA GLY A 150 16.86 0.45 -25.09
C GLY A 150 17.24 -0.99 -24.77
N MET A 151 16.56 -1.98 -25.37
CA MET A 151 16.94 -3.40 -25.15
C MET A 151 18.29 -3.78 -25.78
N ASN A 152 18.58 -3.26 -26.97
CA ASN A 152 19.91 -3.43 -27.59
C ASN A 152 21.03 -2.91 -26.69
N TYR A 153 20.80 -1.75 -26.08
CA TYR A 153 21.74 -1.20 -25.12
C TYR A 153 21.93 -2.19 -23.96
N LEU A 154 20.83 -2.69 -23.42
CA LEU A 154 20.90 -3.61 -22.27
C LEU A 154 21.65 -4.92 -22.60
N GLU A 155 21.31 -5.55 -23.74
CA GLU A 155 22.06 -6.66 -24.25
C GLU A 155 23.59 -6.38 -24.35
N ASP A 156 23.97 -5.22 -24.92
CA ASP A 156 25.38 -4.83 -25.00
C ASP A 156 26.07 -4.66 -23.63
N ARG A 157 25.31 -4.38 -22.58
CA ARG A 157 25.86 -4.31 -21.21
C ARG A 157 25.72 -5.64 -20.47
N ARG A 158 25.34 -6.72 -21.18
CA ARG A 158 25.14 -8.08 -20.63
C ARG A 158 23.94 -8.25 -19.67
N LEU A 159 22.96 -7.35 -19.75
CA LEU A 159 21.78 -7.38 -18.88
C LEU A 159 20.63 -8.09 -19.55
N VAL A 160 20.11 -9.11 -18.85
CA VAL A 160 18.88 -9.80 -19.22
C VAL A 160 17.85 -9.20 -18.27
N HIS A 161 16.85 -8.52 -18.85
CA HIS A 161 15.89 -7.73 -18.08
C HIS A 161 14.92 -8.63 -17.31
N ARG A 162 14.38 -9.62 -18.03
CA ARG A 162 13.53 -10.67 -17.49
C ARG A 162 12.11 -10.22 -17.09
N ASP A 163 11.70 -9.03 -17.50
CA ASP A 163 10.37 -8.50 -17.15
C ASP A 163 10.01 -7.32 -18.06
N LEU A 164 10.29 -7.47 -19.35
CA LEU A 164 9.97 -6.45 -20.30
C LEU A 164 8.49 -6.59 -20.50
N ALA A 165 7.78 -5.47 -20.44
CA ALA A 165 6.32 -5.42 -20.56
C ALA A 165 5.91 -3.97 -20.68
N ALA A 166 4.81 -3.70 -21.36
CA ALA A 166 4.34 -2.30 -21.48
C ALA A 166 4.17 -1.53 -20.16
N ARG A 167 3.85 -2.22 -19.08
CA ARG A 167 3.67 -1.61 -17.73
C ARG A 167 5.02 -1.17 -17.12
N ASN A 168 6.10 -1.74 -17.66
CA ASN A 168 7.49 -1.43 -17.29
C ASN A 168 8.21 -0.45 -18.26
N VAL A 169 7.46 0.26 -19.09
CA VAL A 169 8.02 1.32 -19.93
C VAL A 169 7.38 2.61 -19.49
N LEU A 170 8.20 3.62 -19.17
CA LEU A 170 7.67 4.94 -18.78
C LEU A 170 7.64 5.92 -19.91
N VAL A 171 6.64 6.79 -19.86
CA VAL A 171 6.48 7.93 -20.77
C VAL A 171 7.05 9.24 -20.19
N LYS A 172 8.17 9.70 -20.74
CA LYS A 172 8.79 11.01 -20.44
C LYS A 172 8.07 12.14 -21.14
N THR A 173 7.84 11.96 -22.45
CA THR A 173 6.85 12.72 -23.24
C THR A 173 6.26 11.74 -24.24
N PRO A 174 5.16 12.09 -24.90
CA PRO A 174 4.59 11.15 -25.87
C PRO A 174 5.54 10.69 -26.99
N GLN A 175 6.62 11.45 -27.24
CA GLN A 175 7.59 11.15 -28.28
C GLN A 175 8.84 10.41 -27.75
N HIS A 176 8.91 10.14 -26.44
CA HIS A 176 10.16 9.70 -25.78
C HIS A 176 9.86 8.76 -24.59
N VAL A 177 10.12 7.47 -24.77
CA VAL A 177 9.86 6.46 -23.74
C VAL A 177 11.16 5.79 -23.25
N LYS A 178 11.07 5.20 -22.06
CA LYS A 178 12.23 4.57 -21.38
C LYS A 178 11.87 3.29 -20.63
N ILE A 179 12.75 2.29 -20.74
CA ILE A 179 12.63 1.01 -20.06
C ILE A 179 13.04 1.18 -18.60
N THR A 180 12.23 0.66 -17.68
CA THR A 180 12.54 0.71 -16.26
C THR A 180 12.21 -0.66 -15.62
N ASP A 181 12.20 -0.68 -14.29
CA ASP A 181 11.66 -1.79 -13.49
C ASP A 181 12.62 -2.99 -13.58
N PHE A 182 13.79 -2.79 -12.96
CA PHE A 182 14.92 -3.72 -13.05
C PHE A 182 15.02 -4.74 -11.89
N GLY A 183 13.97 -4.88 -11.09
CA GLY A 183 13.93 -5.85 -9.99
C GLY A 183 14.31 -7.30 -10.32
N ARG A 184 13.96 -7.75 -11.54
CA ARG A 184 14.25 -9.09 -12.04
C ARG A 184 15.49 -9.21 -12.95
N ALA A 185 16.20 -8.12 -13.22
CA ALA A 185 17.31 -8.14 -14.18
C ALA A 185 18.57 -8.79 -13.63
N LYS A 186 19.27 -9.47 -14.52
CA LYS A 186 20.51 -10.20 -14.17
C LYS A 186 21.63 -9.84 -15.14
N LEU A 187 22.80 -9.61 -14.55
CA LEU A 187 24.01 -9.28 -15.28
C LEU A 187 24.76 -10.57 -15.60
N LEU A 188 24.67 -11.03 -16.85
CA LEU A 188 25.47 -12.18 -17.31
C LEU A 188 27.00 -11.92 -17.23
N GLY A 189 27.76 -12.95 -16.86
CA GLY A 189 29.22 -12.93 -17.05
C GLY A 189 29.62 -12.94 -18.53
N ALA A 190 30.86 -12.53 -18.80
CA ALA A 190 31.33 -12.45 -20.18
C ALA A 190 31.18 -13.78 -20.92
N GLU A 191 30.60 -13.70 -22.12
CA GLU A 191 30.36 -14.86 -23.02
C GLU A 191 29.37 -15.93 -22.52
N GLU A 192 28.83 -15.76 -21.30
CA GLU A 192 27.84 -16.68 -20.75
C GLU A 192 26.50 -16.38 -21.45
N LYS A 193 25.77 -17.43 -21.78
CA LYS A 193 24.57 -17.31 -22.63
C LYS A 193 23.29 -17.24 -21.81
N GLU A 194 23.23 -17.97 -20.69
CA GLU A 194 22.00 -18.24 -19.98
C GLU A 194 22.07 -17.82 -18.52
N TYR A 195 20.93 -17.39 -17.99
CA TYR A 195 20.72 -17.30 -16.54
C TYR A 195 19.73 -18.39 -16.13
N HIS A 196 20.14 -19.25 -15.20
CA HIS A 196 19.29 -20.30 -14.65
C HIS A 196 18.65 -19.76 -13.36
N ALA A 197 17.34 -19.56 -13.38
CA ALA A 197 16.65 -18.93 -12.26
C ALA A 197 16.19 -19.93 -11.19
N GLU A 198 16.19 -19.45 -9.96
CA GLU A 198 15.48 -20.04 -8.83
C GLU A 198 13.96 -20.03 -9.01
N GLY A 199 13.27 -20.67 -8.07
CA GLY A 199 11.80 -20.69 -8.05
C GLY A 199 11.24 -19.42 -7.44
N GLY A 200 9.98 -19.14 -7.79
CA GLY A 200 9.26 -17.96 -7.29
C GLY A 200 8.09 -17.61 -8.18
N LYS A 201 7.59 -16.38 -8.05
CA LYS A 201 6.48 -15.90 -8.87
C LYS A 201 7.02 -15.14 -10.09
N VAL A 202 6.48 -15.48 -11.26
CA VAL A 202 6.97 -14.98 -12.54
C VAL A 202 5.81 -14.62 -13.48
N PRO A 203 6.02 -13.63 -14.38
CA PRO A 203 4.97 -13.19 -15.30
C PRO A 203 4.80 -14.11 -16.51
N ILE A 204 4.12 -15.24 -16.32
CA ILE A 204 4.02 -16.31 -17.33
C ILE A 204 3.66 -15.81 -18.74
N LYS A 205 2.75 -14.86 -18.82
CA LYS A 205 2.18 -14.44 -20.12
C LYS A 205 3.11 -13.58 -20.98
N TRP A 206 4.22 -13.15 -20.41
CA TRP A 206 5.28 -12.43 -21.13
C TRP A 206 6.54 -13.30 -21.38
N MET A 207 6.56 -14.54 -20.87
CA MET A 207 7.76 -15.38 -20.88
C MET A 207 7.87 -16.34 -22.07
N ALA A 208 9.11 -16.56 -22.47
CA ALA A 208 9.45 -17.53 -23.49
C ALA A 208 9.21 -18.92 -22.91
N LEU A 209 8.90 -19.89 -23.79
CA LEU A 209 8.56 -21.25 -23.38
C LEU A 209 9.65 -21.91 -22.56
N GLU A 210 10.91 -21.75 -22.99
CA GLU A 210 12.10 -22.22 -22.25
C GLU A 210 12.22 -21.64 -20.83
N SER A 211 11.72 -20.42 -20.64
CA SER A 211 11.74 -19.78 -19.33
C SER A 211 10.68 -20.42 -18.42
N ILE A 212 9.54 -20.78 -19.01
CA ILE A 212 8.46 -21.40 -18.24
C ILE A 212 8.82 -22.83 -17.84
N LEU A 213 9.29 -23.62 -18.81
CA LEU A 213 9.59 -25.02 -18.60
C LEU A 213 10.89 -25.24 -17.80
N HIS A 214 11.95 -24.51 -18.16
CA HIS A 214 13.30 -24.80 -17.64
C HIS A 214 13.92 -23.70 -16.79
N ARG A 215 13.21 -22.59 -16.60
CA ARG A 215 13.73 -21.42 -15.88
C ARG A 215 15.01 -20.84 -16.48
N ILE A 216 15.14 -20.91 -17.81
CA ILE A 216 16.27 -20.34 -18.54
C ILE A 216 15.90 -19.00 -19.19
N TYR A 217 16.71 -17.99 -18.92
CA TYR A 217 16.55 -16.64 -19.49
C TYR A 217 17.79 -16.22 -20.27
N THR A 218 17.57 -15.56 -21.39
CA THR A 218 18.61 -15.06 -22.26
C THR A 218 18.14 -13.75 -22.90
N HIS A 219 18.99 -13.17 -23.74
CA HIS A 219 18.59 -11.99 -24.50
C HIS A 219 17.46 -12.35 -25.45
N GLN A 220 17.44 -13.60 -25.92
CA GLN A 220 16.42 -14.07 -26.85
C GLN A 220 15.09 -14.38 -26.19
N SER A 221 15.08 -14.74 -24.91
CA SER A 221 13.82 -14.81 -24.16
C SER A 221 13.29 -13.39 -23.90
N ASP A 222 14.21 -12.43 -23.65
CA ASP A 222 13.88 -10.96 -23.63
C ASP A 222 13.27 -10.48 -24.96
N VAL A 223 13.78 -10.98 -26.08
CA VAL A 223 13.13 -10.79 -27.37
C VAL A 223 11.70 -11.32 -27.41
N TRP A 224 11.42 -12.47 -26.79
CA TRP A 224 10.06 -12.99 -26.71
C TRP A 224 9.14 -12.01 -25.99
N SER A 225 9.58 -11.52 -24.83
CA SER A 225 8.83 -10.54 -24.06
C SER A 225 8.60 -9.27 -24.88
N TYR A 226 9.63 -8.82 -25.61
CA TYR A 226 9.51 -7.64 -26.45
C TYR A 226 8.35 -7.76 -27.45
N GLY A 227 8.20 -8.91 -28.08
CA GLY A 227 7.08 -9.18 -28.99
C GLY A 227 5.73 -9.09 -28.29
N VAL A 228 5.62 -9.64 -27.07
CA VAL A 228 4.39 -9.47 -26.27
C VAL A 228 4.15 -7.95 -26.01
N THR A 229 5.19 -7.24 -25.58
CA THR A 229 5.10 -5.78 -25.37
C THR A 229 4.61 -5.00 -26.61
N VAL A 230 5.13 -5.34 -27.79
CA VAL A 230 4.62 -4.76 -29.04
C VAL A 230 3.13 -5.03 -29.19
N TRP A 231 2.73 -6.27 -28.91
CA TRP A 231 1.33 -6.70 -29.04
C TRP A 231 0.41 -5.92 -28.09
N GLU A 232 0.88 -5.65 -26.86
CA GLU A 232 0.14 -4.78 -25.93
C GLU A 232 -0.08 -3.40 -26.51
N LEU A 233 1.00 -2.83 -27.09
CA LEU A 233 0.94 -1.52 -27.72
C LEU A 233 -0.03 -1.53 -28.91
N MET A 234 0.11 -2.48 -29.83
CA MET A 234 -0.74 -2.50 -31.04
C MET A 234 -2.23 -2.73 -30.74
N THR A 235 -2.54 -3.37 -29.61
CA THR A 235 -3.93 -3.51 -29.14
C THR A 235 -4.42 -2.41 -28.18
N PHE A 236 -3.61 -1.36 -28.00
CA PHE A 236 -3.85 -0.29 -27.02
C PHE A 236 -4.15 -0.81 -25.60
N GLY A 237 -3.37 -1.83 -25.19
CA GLY A 237 -3.36 -2.29 -23.81
C GLY A 237 -4.24 -3.45 -23.42
N SER A 238 -4.54 -4.33 -24.40
CA SER A 238 -5.27 -5.55 -24.10
C SER A 238 -4.36 -6.44 -23.27
N LYS A 239 -4.98 -7.21 -22.37
CA LYS A 239 -4.26 -8.23 -21.63
C LYS A 239 -3.99 -9.42 -22.57
N PRO A 240 -2.75 -9.94 -22.59
CA PRO A 240 -2.44 -11.10 -23.43
C PRO A 240 -3.15 -12.37 -22.93
N TYR A 241 -3.53 -13.25 -23.85
CA TYR A 241 -4.18 -14.53 -23.55
C TYR A 241 -5.35 -14.30 -22.57
N ASP A 242 -6.25 -13.38 -22.92
CA ASP A 242 -7.33 -12.96 -22.02
C ASP A 242 -8.37 -14.05 -21.92
N GLY A 243 -8.50 -14.65 -20.74
CA GLY A 243 -9.42 -15.75 -20.50
C GLY A 243 -8.68 -17.02 -20.11
N ILE A 244 -7.61 -17.32 -20.84
CA ILE A 244 -6.83 -18.54 -20.63
C ILE A 244 -6.02 -18.40 -19.33
N PRO A 245 -6.15 -19.35 -18.38
CA PRO A 245 -5.44 -19.22 -17.12
C PRO A 245 -3.94 -19.49 -17.25
N ALA A 246 -3.15 -18.90 -16.35
CA ALA A 246 -1.68 -18.93 -16.41
C ALA A 246 -1.10 -20.34 -16.50
N SER A 247 -1.67 -21.27 -15.72
CA SER A 247 -1.22 -22.66 -15.70
C SER A 247 -1.47 -23.43 -17.01
N GLU A 248 -2.39 -22.92 -17.85
CA GLU A 248 -2.65 -23.47 -19.18
C GLU A 248 -1.68 -23.00 -20.28
N ILE A 249 -0.81 -22.03 -20.00
CA ILE A 249 -0.10 -21.26 -21.05
C ILE A 249 0.94 -22.06 -21.82
N SER A 250 1.77 -22.83 -21.09
CA SER A 250 2.81 -23.65 -21.73
C SER A 250 2.21 -24.73 -22.63
N SER A 251 1.06 -25.26 -22.24
CA SER A 251 0.32 -26.23 -23.06
C SER A 251 -0.04 -25.63 -24.41
N ILE A 252 -0.67 -24.44 -24.39
CA ILE A 252 -1.12 -23.80 -25.64
C ILE A 252 0.06 -23.36 -26.51
N LEU A 253 1.13 -22.87 -25.88
CA LEU A 253 2.37 -22.54 -26.58
C LEU A 253 3.00 -23.73 -27.33
N GLU A 254 3.12 -24.87 -26.63
CA GLU A 254 3.64 -26.11 -27.25
C GLU A 254 2.75 -26.64 -28.40
N LYS A 255 1.43 -26.53 -28.23
CA LYS A 255 0.46 -26.78 -29.32
C LYS A 255 0.52 -25.82 -30.53
N GLY A 256 1.22 -24.68 -30.38
CA GLY A 256 1.44 -23.73 -31.47
C GLY A 256 0.59 -22.46 -31.48
N GLU A 257 -0.28 -22.29 -30.48
CA GLU A 257 -1.10 -21.08 -30.37
C GLU A 257 -0.28 -19.89 -29.87
N ARG A 258 -0.56 -18.72 -30.45
CA ARG A 258 0.10 -17.46 -30.12
C ARG A 258 -0.94 -16.35 -30.07
N LEU A 259 -0.51 -15.18 -29.59
CA LEU A 259 -1.37 -13.99 -29.47
C LEU A 259 -1.88 -13.58 -30.85
N PRO A 260 -3.15 -13.15 -30.94
CA PRO A 260 -3.77 -12.94 -32.25
C PRO A 260 -3.33 -11.64 -32.92
N GLN A 261 -3.46 -11.57 -34.24
CA GLN A 261 -3.14 -10.35 -34.98
C GLN A 261 -4.00 -9.19 -34.51
N PRO A 262 -3.36 -8.11 -34.00
CA PRO A 262 -4.16 -6.92 -33.66
C PRO A 262 -4.79 -6.31 -34.92
N PRO A 263 -6.05 -5.82 -34.83
CA PRO A 263 -6.80 -5.17 -35.91
C PRO A 263 -6.07 -4.13 -36.74
N ILE A 264 -5.19 -3.34 -36.13
CA ILE A 264 -4.46 -2.28 -36.86
C ILE A 264 -3.23 -2.75 -37.61
N CYS A 265 -2.71 -3.94 -37.28
CA CYS A 265 -1.46 -4.44 -37.85
C CYS A 265 -1.66 -5.03 -39.24
N THR A 266 -0.84 -4.61 -40.19
CA THR A 266 -0.66 -5.33 -41.44
C THR A 266 0.19 -6.56 -41.15
N ILE A 267 0.20 -7.51 -42.08
CA ILE A 267 0.85 -8.79 -41.88
C ILE A 267 2.36 -8.64 -41.57
N ASP A 268 3.01 -7.65 -42.19
CA ASP A 268 4.46 -7.42 -41.95
C ASP A 268 4.83 -7.06 -40.49
N VAL A 269 3.95 -6.38 -39.77
CA VAL A 269 4.18 -6.07 -38.34
C VAL A 269 3.93 -7.34 -37.52
N TYR A 270 2.82 -8.04 -37.81
CA TYR A 270 2.47 -9.31 -37.15
C TYR A 270 3.50 -10.46 -37.33
N MET A 271 4.08 -10.56 -38.53
CA MET A 271 5.18 -11.51 -38.76
C MET A 271 6.40 -11.23 -37.86
N ILE A 272 6.71 -9.96 -37.63
CA ILE A 272 7.82 -9.60 -36.74
C ILE A 272 7.50 -10.09 -35.32
N MET A 273 6.27 -9.82 -34.88
CA MET A 273 5.78 -10.32 -33.60
C MET A 273 5.89 -11.83 -33.52
N ARG A 274 5.35 -12.55 -34.52
CA ARG A 274 5.41 -14.00 -34.57
C ARG A 274 6.83 -14.59 -34.60
N LYS A 275 7.75 -13.95 -35.33
CA LYS A 275 9.17 -14.38 -35.27
C LYS A 275 9.74 -14.33 -33.84
N CYS A 276 9.32 -13.34 -33.04
CA CYS A 276 9.80 -13.21 -31.64
C CYS A 276 9.34 -14.37 -30.78
N TRP A 277 8.24 -15.02 -31.13
CA TRP A 277 7.68 -16.15 -30.36
C TRP A 277 7.92 -17.55 -30.95
N MET A 278 8.96 -17.73 -31.75
CA MET A 278 9.29 -19.07 -32.23
C MET A 278 9.96 -19.91 -31.14
N ILE A 279 9.85 -21.23 -31.29
CA ILE A 279 10.35 -22.18 -30.28
C ILE A 279 11.87 -22.08 -30.17
N ASP A 280 12.56 -22.14 -31.29
CA ASP A 280 14.01 -21.95 -31.29
C ASP A 280 14.38 -20.48 -31.03
N ALA A 281 15.03 -20.22 -29.90
CA ALA A 281 15.33 -18.86 -29.47
C ALA A 281 16.32 -18.12 -30.41
N ASP A 282 17.21 -18.87 -31.04
CA ASP A 282 18.15 -18.30 -32.00
C ASP A 282 17.51 -17.98 -33.38
N SER A 283 16.34 -18.55 -33.66
CA SER A 283 15.55 -18.18 -34.84
C SER A 283 14.72 -16.90 -34.65
N ARG A 284 14.65 -16.42 -33.41
CA ARG A 284 14.01 -15.16 -33.10
C ARG A 284 14.91 -14.05 -33.60
N PRO A 285 14.30 -12.91 -33.97
CA PRO A 285 15.17 -11.81 -34.37
C PRO A 285 16.09 -11.37 -33.21
N LYS A 286 17.01 -10.47 -33.52
CA LYS A 286 17.85 -9.82 -32.51
C LYS A 286 17.30 -8.42 -32.32
N PHE A 287 17.61 -7.79 -31.17
CA PHE A 287 17.21 -6.39 -30.98
C PHE A 287 17.73 -5.44 -32.06
N ARG A 288 18.99 -5.59 -32.48
CA ARG A 288 19.57 -4.76 -33.56
C ARG A 288 18.83 -4.86 -34.91
N GLU A 289 18.36 -6.07 -35.25
CA GLU A 289 17.53 -6.28 -36.44
C GLU A 289 16.18 -5.61 -36.25
N LEU A 290 15.59 -5.73 -35.06
CA LEU A 290 14.30 -5.12 -34.77
C LEU A 290 14.34 -3.60 -34.86
N ILE A 291 15.44 -2.96 -34.42
CA ILE A 291 15.65 -1.51 -34.59
C ILE A 291 15.65 -1.08 -36.08
N ILE A 292 16.33 -1.86 -36.91
CA ILE A 292 16.41 -1.58 -38.35
C ILE A 292 15.05 -1.77 -39.03
N GLU A 293 14.38 -2.87 -38.71
CA GLU A 293 13.09 -3.18 -39.33
C GLU A 293 11.98 -2.19 -38.90
N PHE A 294 11.93 -1.82 -37.62
CA PHE A 294 10.90 -0.86 -37.15
C PHE A 294 11.20 0.56 -37.59
N SER A 295 12.48 0.93 -37.70
CA SER A 295 12.91 2.20 -38.30
C SER A 295 12.38 2.38 -39.73
N LYS A 296 12.58 1.37 -40.55
CA LYS A 296 12.04 1.33 -41.92
C LYS A 296 10.52 1.60 -41.96
N MET A 297 9.78 0.95 -41.07
CA MET A 297 8.34 1.10 -41.03
C MET A 297 7.92 2.47 -40.55
N ALA A 298 8.65 2.99 -39.55
CA ALA A 298 8.42 4.33 -39.04
C ALA A 298 8.60 5.42 -40.11
N ARG A 299 9.44 5.16 -41.13
CA ARG A 299 9.57 6.07 -42.29
C ARG A 299 8.30 6.23 -43.17
N ASP A 300 7.34 5.31 -43.06
CA ASP A 300 6.08 5.36 -43.83
C ASP A 300 4.95 4.73 -42.99
N PRO A 301 4.66 5.30 -41.82
CA PRO A 301 3.95 4.55 -40.78
C PRO A 301 2.56 4.02 -41.17
N GLN A 302 1.83 4.76 -42.01
CA GLN A 302 0.43 4.42 -42.40
C GLN A 302 0.28 3.24 -43.37
N ARG A 303 1.38 2.88 -44.03
CA ARG A 303 1.44 1.66 -44.82
C ARG A 303 1.37 0.40 -43.94
N TYR A 304 1.93 0.49 -42.72
CA TYR A 304 2.17 -0.67 -41.85
C TYR A 304 1.19 -0.84 -40.70
N LEU A 305 0.65 0.27 -40.21
CA LEU A 305 -0.48 0.25 -39.30
C LEU A 305 -1.63 1.03 -39.96
N VAL A 306 -2.82 0.43 -39.94
CA VAL A 306 -4.00 1.04 -40.54
C VAL A 306 -4.94 1.45 -39.43
N ILE A 307 -4.83 2.72 -39.03
CA ILE A 307 -5.66 3.33 -38.00
C ILE A 307 -6.65 4.31 -38.66
N GLN A 308 -7.93 4.24 -38.26
CA GLN A 308 -8.97 5.16 -38.76
C GLN A 308 -8.81 6.54 -38.12
N GLY A 309 -8.73 7.58 -38.94
CA GLY A 309 -8.55 8.94 -38.45
C GLY A 309 -7.12 9.29 -38.10
N ASP A 310 -6.15 8.58 -38.71
CA ASP A 310 -4.74 8.69 -38.36
C ASP A 310 -4.21 10.13 -38.51
N GLU A 311 -4.51 10.76 -39.64
CA GLU A 311 -3.85 12.03 -40.01
C GLU A 311 -4.29 13.26 -39.20
N ARG A 312 -5.39 13.16 -38.46
CA ARG A 312 -5.89 14.28 -37.65
C ARG A 312 -5.84 14.05 -36.12
N MET A 313 -4.93 13.17 -35.68
CA MET A 313 -4.76 12.87 -34.25
C MET A 313 -3.70 13.77 -33.64
N HIS A 314 -4.01 14.36 -32.47
CA HIS A 314 -3.12 15.29 -31.78
C HIS A 314 -2.63 14.66 -30.48
N LEU A 315 -1.31 14.59 -30.27
CA LEU A 315 -0.74 14.31 -28.94
C LEU A 315 0.17 15.45 -28.50
N PRO A 316 0.16 15.79 -27.20
CA PRO A 316 0.98 16.85 -26.67
C PRO A 316 2.44 16.80 -27.09
N SER A 317 3.00 17.94 -27.46
CA SER A 317 4.41 18.07 -27.82
C SER A 317 5.29 17.99 -26.56
N PRO A 318 6.62 17.90 -26.76
CA PRO A 318 7.52 18.00 -25.61
C PRO A 318 7.34 19.28 -24.77
N THR A 319 7.11 20.42 -25.43
CA THR A 319 6.88 21.69 -24.73
C THR A 319 5.53 21.72 -24.00
N ASP A 320 4.48 21.10 -24.58
CA ASP A 320 3.22 20.83 -23.85
C ASP A 320 3.44 19.99 -22.58
N SER A 321 4.32 19.01 -22.65
CA SER A 321 4.58 18.11 -21.52
C SER A 321 5.22 18.88 -20.37
N ASN A 322 6.07 19.85 -20.71
CA ASN A 322 6.65 20.77 -19.72
C ASN A 322 5.63 21.75 -19.14
N PHE A 323 4.72 22.22 -19.98
CA PHE A 323 3.60 23.04 -19.53
C PHE A 323 2.79 22.26 -18.49
N TYR A 324 2.30 21.09 -18.90
CA TYR A 324 1.57 20.17 -18.01
C TYR A 324 2.30 19.96 -16.68
N ARG A 325 3.58 19.75 -16.75
CA ARG A 325 4.38 19.63 -15.56
C ARG A 325 4.40 20.89 -14.69
N ALA A 326 4.66 22.03 -15.29
CA ALA A 326 4.62 23.30 -14.56
C ALA A 326 3.25 23.58 -13.92
N LEU A 327 2.19 23.24 -14.66
CA LEU A 327 0.81 23.32 -14.16
C LEU A 327 0.59 22.46 -12.89
N MET A 328 1.01 21.19 -12.97
CA MET A 328 0.84 20.25 -11.86
C MET A 328 1.65 20.68 -10.66
N ASP A 329 2.89 21.14 -10.90
CA ASP A 329 3.76 21.63 -9.83
C ASP A 329 3.21 22.88 -9.15
N GLU A 330 2.50 23.72 -9.91
CA GLU A 330 1.88 24.91 -9.37
C GLU A 330 0.81 24.58 -8.31
N GLU A 331 -0.11 23.68 -8.67
CA GLU A 331 -1.17 23.28 -7.75
C GLU A 331 -0.66 22.41 -6.57
N ASP A 332 0.28 21.49 -6.83
CA ASP A 332 0.87 20.68 -5.74
C ASP A 332 1.63 21.53 -4.72
N MET A 333 2.34 22.55 -5.19
CA MET A 333 3.02 23.49 -4.29
C MET A 333 2.06 24.38 -3.52
N ASP A 334 0.88 24.64 -4.09
CA ASP A 334 -0.19 25.34 -3.37
C ASP A 334 -0.81 24.43 -2.32
N ASP A 335 -0.94 23.14 -2.63
CA ASP A 335 -1.44 22.14 -1.67
C ASP A 335 -0.55 22.02 -0.43
N VAL A 336 0.78 22.04 -0.59
CA VAL A 336 1.69 21.94 0.58
C VAL A 336 1.62 23.16 1.51
N VAL A 337 1.26 24.33 0.98
CA VAL A 337 1.07 25.53 1.80
C VAL A 337 -0.17 25.40 2.69
N LEU B 30 1.59 -11.14 4.17
CA LEU B 30 0.31 -11.04 3.43
C LEU B 30 -0.03 -12.36 2.75
N ARG B 31 -1.15 -12.95 3.16
CA ARG B 31 -1.78 -14.05 2.42
C ARG B 31 -2.73 -13.46 1.37
N ILE B 32 -2.32 -13.50 0.10
CA ILE B 32 -3.10 -12.94 -0.99
C ILE B 32 -4.06 -14.02 -1.51
N LEU B 33 -5.36 -13.78 -1.36
CA LEU B 33 -6.41 -14.72 -1.79
C LEU B 33 -7.21 -14.17 -2.96
N LYS B 34 -7.94 -15.07 -3.61
CA LYS B 34 -8.85 -14.71 -4.69
C LYS B 34 -10.13 -14.07 -4.13
N GLU B 35 -10.56 -12.99 -4.77
CA GLU B 35 -11.82 -12.28 -4.47
C GLU B 35 -13.07 -13.18 -4.55
N THR B 36 -13.06 -14.11 -5.50
CA THR B 36 -14.09 -15.13 -5.73
C THR B 36 -14.31 -16.11 -4.55
N GLU B 37 -13.32 -16.25 -3.68
CA GLU B 37 -13.50 -17.08 -2.48
C GLU B 37 -14.36 -16.42 -1.38
N PHE B 38 -14.81 -15.17 -1.58
CA PHE B 38 -15.59 -14.43 -0.56
C PHE B 38 -16.96 -13.91 -1.05
N LYS B 39 -18.00 -14.19 -0.27
CA LYS B 39 -19.33 -13.60 -0.49
C LYS B 39 -19.59 -12.56 0.60
N LYS B 40 -20.03 -11.37 0.22
CA LYS B 40 -20.42 -10.35 1.21
C LYS B 40 -21.86 -10.65 1.60
N ILE B 41 -22.15 -10.56 2.90
CA ILE B 41 -23.46 -10.88 3.47
C ILE B 41 -24.20 -9.63 3.90
N LYS B 42 -23.51 -8.75 4.62
CA LYS B 42 -24.16 -7.64 5.29
C LYS B 42 -23.16 -6.50 5.56
N VAL B 43 -23.66 -5.28 5.50
CA VAL B 43 -22.82 -4.10 5.71
C VAL B 43 -22.81 -3.82 7.21
N LEU B 44 -21.61 -3.66 7.77
CA LEU B 44 -21.42 -3.41 9.20
C LEU B 44 -21.03 -1.95 9.47
N GLY B 45 -20.39 -1.30 8.50
CA GLY B 45 -20.06 0.10 8.60
C GLY B 45 -19.57 0.66 7.30
N SER B 46 -19.85 1.94 7.05
CA SER B 46 -19.30 2.63 5.89
C SER B 46 -18.96 4.07 6.25
N GLY B 47 -17.80 4.52 5.78
CA GLY B 47 -17.33 5.88 5.95
C GLY B 47 -16.74 6.31 4.63
N ALA B 48 -16.08 7.46 4.60
CA ALA B 48 -15.50 7.99 3.35
C ALA B 48 -14.39 7.11 2.78
N PHE B 49 -13.59 6.51 3.65
CA PHE B 49 -12.48 5.66 3.20
C PHE B 49 -12.97 4.33 2.59
N GLY B 50 -13.98 3.72 3.21
CA GLY B 50 -14.63 2.55 2.63
C GLY B 50 -15.73 1.91 3.45
N THR B 51 -15.96 0.63 3.17
CA THR B 51 -17.02 -0.17 3.77
C THR B 51 -16.47 -1.40 4.51
N VAL B 52 -17.05 -1.71 5.67
CA VAL B 52 -16.82 -3.00 6.35
C VAL B 52 -18.02 -3.95 6.20
N TYR B 53 -17.79 -5.13 5.62
CA TYR B 53 -18.84 -6.14 5.50
C TYR B 53 -18.60 -7.32 6.40
N LYS B 54 -19.69 -7.93 6.84
CA LYS B 54 -19.68 -9.33 7.26
C LYS B 54 -19.67 -10.17 5.97
N GLY B 55 -18.66 -11.03 5.81
CA GLY B 55 -18.62 -12.01 4.70
C GLY B 55 -18.42 -13.47 5.11
N LEU B 56 -18.56 -14.36 4.13
CA LEU B 56 -18.29 -15.79 4.26
C LEU B 56 -17.15 -16.17 3.35
N TRP B 57 -16.13 -16.82 3.91
CA TRP B 57 -15.11 -17.49 3.11
C TRP B 57 -15.67 -18.80 2.57
N ILE B 58 -15.73 -18.93 1.25
CA ILE B 58 -16.23 -20.13 0.57
C ILE B 58 -15.16 -20.57 -0.44
N PRO B 59 -14.16 -21.35 0.02
CA PRO B 59 -13.12 -21.89 -0.89
C PRO B 59 -13.49 -23.16 -1.67
N GLU B 60 -14.56 -23.87 -1.27
CA GLU B 60 -14.90 -25.20 -1.85
C GLU B 60 -16.38 -25.31 -2.23
N GLY B 61 -16.80 -24.53 -3.20
CA GLY B 61 -18.19 -24.58 -3.69
C GLY B 61 -19.25 -24.23 -2.67
N GLU B 62 -19.70 -25.23 -1.91
CA GLU B 62 -20.77 -25.06 -0.91
C GLU B 62 -20.55 -25.83 0.42
N LYS B 63 -19.34 -26.35 0.64
CA LYS B 63 -19.07 -27.26 1.75
C LYS B 63 -18.44 -26.56 2.98
N VAL B 64 -17.77 -25.43 2.78
CA VAL B 64 -17.19 -24.62 3.86
C VAL B 64 -17.69 -23.18 3.72
N LYS B 65 -18.18 -22.61 4.82
CA LYS B 65 -18.64 -21.20 4.86
C LYS B 65 -18.24 -20.59 6.21
N ILE B 66 -17.15 -19.83 6.22
CA ILE B 66 -16.56 -19.37 7.49
C ILE B 66 -16.69 -17.84 7.61
N PRO B 67 -17.42 -17.36 8.64
CA PRO B 67 -17.61 -15.94 8.89
C PRO B 67 -16.36 -15.09 9.02
N VAL B 68 -16.34 -13.95 8.31
CA VAL B 68 -15.23 -12.96 8.37
C VAL B 68 -15.72 -11.51 8.19
N ALA B 69 -14.89 -10.57 8.61
CA ALA B 69 -15.09 -9.14 8.32
C ALA B 69 -14.22 -8.83 7.13
N ILE B 70 -14.76 -8.01 6.22
CA ILE B 70 -14.06 -7.58 5.02
C ILE B 70 -14.15 -6.07 4.94
N LYS B 71 -12.99 -5.39 5.01
CA LYS B 71 -12.89 -3.96 4.74
C LYS B 71 -12.53 -3.74 3.28
N GLU B 72 -13.36 -3.00 2.54
CA GLU B 72 -13.15 -2.74 1.12
C GLU B 72 -12.86 -1.28 0.85
N LEU B 73 -11.79 -1.04 0.09
CA LEU B 73 -11.40 0.30 -0.32
C LEU B 73 -12.41 0.83 -1.33
N ARG B 74 -12.94 2.04 -1.09
CA ARG B 74 -13.91 2.67 -2.01
C ARG B 74 -13.23 3.21 -3.27
N GLU B 75 -12.22 4.05 -3.06
CA GLU B 75 -11.59 4.70 -4.23
C GLU B 75 -10.42 3.89 -4.73
N ALA B 76 -10.83 2.84 -5.44
CA ALA B 76 -9.93 1.80 -5.96
C ALA B 76 -8.77 2.31 -6.80
N THR B 77 -8.95 3.44 -7.47
CA THR B 77 -7.94 3.98 -8.38
C THR B 77 -7.05 5.05 -7.75
N SER B 78 -7.43 5.58 -6.59
CA SER B 78 -6.64 6.60 -5.89
C SER B 78 -5.31 6.05 -5.34
N PRO B 79 -4.17 6.57 -5.84
CA PRO B 79 -2.89 6.09 -5.34
C PRO B 79 -2.66 6.38 -3.87
N LYS B 80 -3.10 7.54 -3.42
CA LYS B 80 -3.01 7.88 -1.99
C LYS B 80 -3.88 6.93 -1.13
N ALA B 81 -5.10 6.60 -1.58
CA ALA B 81 -5.97 5.67 -0.81
C ALA B 81 -5.44 4.23 -0.83
N ASN B 82 -4.92 3.78 -1.98
CA ASN B 82 -4.24 2.51 -2.04
C ASN B 82 -3.04 2.42 -1.08
N LYS B 83 -2.14 3.39 -1.15
CA LYS B 83 -1.05 3.56 -0.18
C LYS B 83 -1.54 3.42 1.27
N GLU B 84 -2.63 4.09 1.63
CA GLU B 84 -3.13 4.07 3.01
C GLU B 84 -3.61 2.69 3.46
N ILE B 85 -4.43 2.02 2.66
CA ILE B 85 -4.94 0.73 3.05
C ILE B 85 -3.87 -0.37 3.03
N LEU B 86 -2.84 -0.21 2.19
CA LEU B 86 -1.76 -1.17 2.09
C LEU B 86 -0.78 -1.02 3.23
N ASP B 87 -0.52 0.21 3.64
CA ASP B 87 0.24 0.44 4.88
C ASP B 87 -0.48 -0.18 6.08
N GLU B 88 -1.78 0.08 6.22
CA GLU B 88 -2.64 -0.56 7.24
C GLU B 88 -2.51 -2.08 7.23
N ALA B 89 -2.66 -2.67 6.06
CA ALA B 89 -2.54 -4.11 5.89
C ALA B 89 -1.17 -4.65 6.34
N TYR B 90 -0.10 -3.99 5.95
CA TYR B 90 1.28 -4.35 6.35
C TYR B 90 1.44 -4.33 7.87
N VAL B 91 1.06 -3.24 8.54
CA VAL B 91 1.22 -3.18 10.01
C VAL B 91 0.38 -4.31 10.61
N MET B 92 -0.87 -4.39 10.20
CA MET B 92 -1.83 -5.36 10.76
C MET B 92 -1.43 -6.83 10.52
N ALA B 93 -0.66 -7.09 9.47
CA ALA B 93 -0.19 -8.44 9.16
C ALA B 93 1.04 -8.85 9.97
N SER B 94 1.74 -7.88 10.55
CA SER B 94 2.93 -8.15 11.35
C SER B 94 2.70 -8.19 12.87
N VAL B 95 1.45 -8.13 13.32
CA VAL B 95 1.12 -8.19 14.75
C VAL B 95 0.54 -9.55 15.13
N ASP B 96 0.80 -9.96 16.36
CA ASP B 96 0.28 -11.24 16.89
C ASP B 96 0.22 -11.23 18.42
N ASN B 97 -0.92 -10.82 18.96
CA ASN B 97 -1.13 -10.72 20.40
C ASN B 97 -2.65 -10.79 20.66
N PRO B 98 -3.08 -11.34 21.82
CA PRO B 98 -4.52 -11.41 22.05
C PRO B 98 -5.25 -10.08 22.21
N HIS B 99 -4.56 -8.97 22.49
CA HIS B 99 -5.22 -7.66 22.63
C HIS B 99 -4.94 -6.72 21.44
N VAL B 100 -4.78 -7.32 20.26
CA VAL B 100 -4.40 -6.62 19.05
C VAL B 100 -5.05 -7.40 17.89
N CYS B 101 -5.60 -6.65 16.95
CA CYS B 101 -6.24 -7.21 15.79
C CYS B 101 -5.23 -7.45 14.70
N ARG B 102 -5.31 -8.61 14.05
CA ARG B 102 -4.41 -8.91 12.95
C ARG B 102 -5.13 -9.24 11.63
N LEU B 103 -4.37 -9.14 10.56
CA LEU B 103 -4.87 -9.32 9.21
C LEU B 103 -4.83 -10.80 8.87
N LEU B 104 -5.99 -11.38 8.63
CA LEU B 104 -6.08 -12.77 8.21
C LEU B 104 -5.72 -12.93 6.74
N GLY B 105 -6.10 -11.96 5.90
CA GLY B 105 -5.75 -12.01 4.47
C GLY B 105 -6.06 -10.73 3.70
N ILE B 106 -5.71 -10.74 2.42
CA ILE B 106 -5.92 -9.61 1.50
C ILE B 106 -6.34 -10.11 0.10
N CYS B 107 -7.16 -9.32 -0.59
CA CYS B 107 -7.51 -9.56 -2.00
C CYS B 107 -7.09 -8.29 -2.73
N LEU B 108 -6.44 -8.45 -3.88
CA LEU B 108 -5.83 -7.33 -4.63
C LEU B 108 -6.23 -7.37 -6.12
N THR B 109 -7.53 -7.32 -6.40
CA THR B 109 -8.05 -7.28 -7.78
C THR B 109 -8.16 -5.83 -8.27
N SER B 110 -9.37 -5.35 -8.58
CA SER B 110 -9.55 -3.96 -9.04
C SER B 110 -9.49 -2.98 -7.86
N THR B 111 -9.80 -3.47 -6.66
CA THR B 111 -9.59 -2.73 -5.40
C THR B 111 -8.90 -3.63 -4.37
N VAL B 112 -8.69 -3.08 -3.17
CA VAL B 112 -8.08 -3.80 -2.04
C VAL B 112 -9.19 -4.21 -1.05
N GLN B 113 -9.16 -5.45 -0.55
CA GLN B 113 -10.07 -5.90 0.52
C GLN B 113 -9.28 -6.63 1.62
N LEU B 114 -9.37 -6.12 2.84
CA LEU B 114 -8.67 -6.69 3.95
C LEU B 114 -9.60 -7.70 4.56
N ILE B 115 -9.07 -8.88 4.86
CA ILE B 115 -9.86 -9.94 5.48
C ILE B 115 -9.49 -10.05 6.94
N MET B 116 -10.49 -9.95 7.81
CA MET B 116 -10.29 -9.72 9.24
C MET B 116 -11.23 -10.57 10.07
N GLN B 117 -10.90 -10.72 11.35
CA GLN B 117 -11.76 -11.41 12.32
C GLN B 117 -13.10 -10.72 12.44
N LEU B 118 -14.17 -11.49 12.30
CA LEU B 118 -15.52 -11.03 12.58
C LEU B 118 -15.78 -11.02 14.08
N MET B 119 -16.12 -9.84 14.60
CA MET B 119 -16.53 -9.65 15.99
C MET B 119 -18.08 -9.67 16.08
N PRO B 120 -18.66 -10.09 17.22
CA PRO B 120 -20.11 -9.91 17.42
C PRO B 120 -20.51 -8.46 17.69
N PHE B 121 -19.58 -7.66 18.20
CA PHE B 121 -19.86 -6.27 18.54
C PHE B 121 -18.91 -5.37 17.76
N GLY B 122 -19.25 -4.09 17.70
CA GLY B 122 -18.41 -3.10 17.02
C GLY B 122 -17.33 -2.57 17.94
N CYS B 123 -17.10 -1.27 17.84
CA CYS B 123 -16.06 -0.59 18.62
C CYS B 123 -16.51 -0.34 20.03
N LEU B 124 -15.51 -0.18 20.89
CA LEU B 124 -15.76 0.05 22.31
C LEU B 124 -16.44 1.38 22.57
N LEU B 125 -16.11 2.43 21.80
CA LEU B 125 -16.78 3.70 21.96
C LEU B 125 -18.30 3.57 21.80
N ASP B 126 -18.73 2.98 20.69
CA ASP B 126 -20.14 2.71 20.47
C ASP B 126 -20.68 1.76 21.54
N TYR B 127 -19.90 0.76 21.93
CA TYR B 127 -20.30 -0.14 23.01
C TYR B 127 -20.63 0.56 24.34
N VAL B 128 -19.74 1.46 24.79
CA VAL B 128 -19.92 2.12 26.09
C VAL B 128 -21.07 3.12 26.10
N ARG B 129 -21.39 3.67 24.94
CA ARG B 129 -22.52 4.57 24.82
C ARG B 129 -23.84 3.81 24.87
N GLU B 130 -23.89 2.69 24.14
CA GLU B 130 -25.10 1.86 24.07
C GLU B 130 -25.39 1.03 25.31
N HIS B 131 -24.37 0.54 26.03
CA HIS B 131 -24.56 -0.36 27.17
C HIS B 131 -24.18 0.30 28.53
N LYS B 132 -24.20 1.63 28.56
CA LYS B 132 -23.88 2.45 29.74
C LYS B 132 -24.52 1.93 31.05
N ASP B 133 -25.81 1.61 30.97
CA ASP B 133 -26.63 1.26 32.14
C ASP B 133 -26.21 -0.04 32.86
N ASN B 134 -25.48 -0.92 32.16
CA ASN B 134 -25.07 -2.24 32.71
C ASN B 134 -23.54 -2.45 32.69
N ILE B 135 -22.75 -1.38 32.58
CA ILE B 135 -21.28 -1.47 32.60
C ILE B 135 -20.75 -1.10 33.97
N GLY B 136 -20.18 -2.08 34.67
CA GLY B 136 -19.63 -1.90 36.01
C GLY B 136 -18.14 -1.63 36.02
N SER B 137 -17.63 -1.40 37.23
CA SER B 137 -16.25 -0.99 37.48
C SER B 137 -15.20 -2.05 37.12
N GLN B 138 -15.53 -3.33 37.31
CA GLN B 138 -14.63 -4.43 36.91
C GLN B 138 -14.41 -4.48 35.39
N TYR B 139 -15.44 -4.17 34.61
CA TYR B 139 -15.34 -4.18 33.13
C TYR B 139 -14.49 -3.01 32.66
N LEU B 140 -14.78 -1.83 33.18
CA LEU B 140 -14.03 -0.61 32.81
C LEU B 140 -12.54 -0.75 33.09
N LEU B 141 -12.20 -1.36 34.23
CA LEU B 141 -10.80 -1.53 34.62
C LEU B 141 -10.11 -2.67 33.87
N ASN B 142 -10.80 -3.77 33.61
CA ASN B 142 -10.21 -4.81 32.75
C ASN B 142 -9.89 -4.26 31.36
N TRP B 143 -10.77 -3.43 30.81
CA TRP B 143 -10.55 -2.81 29.51
C TRP B 143 -9.31 -1.94 29.48
N CYS B 144 -9.09 -1.17 30.56
CA CYS B 144 -7.87 -0.37 30.72
C CYS B 144 -6.59 -1.21 30.71
N VAL B 145 -6.58 -2.26 31.52
CA VAL B 145 -5.49 -3.23 31.50
C VAL B 145 -5.25 -3.84 30.11
N GLN B 146 -6.32 -4.25 29.43
CA GLN B 146 -6.17 -4.98 28.15
C GLN B 146 -5.60 -4.11 27.05
N ILE B 147 -6.05 -2.85 27.00
CA ILE B 147 -5.56 -1.83 26.05
C ILE B 147 -4.08 -1.47 26.32
N ALA B 148 -3.73 -1.32 27.60
CA ALA B 148 -2.34 -1.13 27.99
C ALA B 148 -1.44 -2.31 27.58
N LYS B 149 -1.93 -3.52 27.78
CA LYS B 149 -1.23 -4.75 27.37
C LYS B 149 -1.02 -4.82 25.85
N GLY B 150 -2.07 -4.50 25.12
CA GLY B 150 -2.01 -4.37 23.67
C GLY B 150 -1.04 -3.28 23.24
N MET B 151 -1.04 -2.12 23.91
CA MET B 151 -0.07 -1.04 23.59
C MET B 151 1.37 -1.39 23.97
N ASN B 152 1.56 -2.04 25.12
CA ASN B 152 2.89 -2.56 25.52
C ASN B 152 3.45 -3.52 24.48
N TYR B 153 2.59 -4.40 23.96
CA TYR B 153 2.98 -5.29 22.88
C TYR B 153 3.43 -4.48 21.66
N LEU B 154 2.66 -3.47 21.29
CA LEU B 154 2.99 -2.67 20.11
C LEU B 154 4.32 -1.89 20.25
N GLU B 155 4.51 -1.24 21.40
CA GLU B 155 5.78 -0.64 21.75
C GLU B 155 6.96 -1.65 21.63
N ASP B 156 6.82 -2.86 22.17
CA ASP B 156 7.87 -3.89 22.05
C ASP B 156 8.16 -4.31 20.60
N ARG B 157 7.21 -4.14 19.69
CA ARG B 157 7.43 -4.41 18.27
C ARG B 157 7.84 -3.15 17.50
N ARG B 158 8.14 -2.06 18.22
CA ARG B 158 8.56 -0.75 17.66
C ARG B 158 7.47 0.03 16.89
N LEU B 159 6.20 -0.28 17.16
CA LEU B 159 5.07 0.36 16.48
C LEU B 159 4.54 1.51 17.30
N VAL B 160 4.49 2.69 16.66
CA VAL B 160 3.80 3.86 17.17
C VAL B 160 2.48 3.88 16.43
N HIS B 161 1.39 3.74 17.18
CA HIS B 161 0.05 3.56 16.60
C HIS B 161 -0.47 4.85 15.95
N ARG B 162 -0.34 5.94 16.71
CA ARG B 162 -0.63 7.32 16.28
C ARG B 162 -2.14 7.63 16.11
N ASP B 163 -3.01 6.77 16.61
CA ASP B 163 -4.45 6.96 16.50
C ASP B 163 -5.20 6.08 17.51
N LEU B 164 -4.67 6.01 18.73
CA LEU B 164 -5.29 5.25 19.77
C LEU B 164 -6.48 6.07 20.18
N ALA B 165 -7.64 5.42 20.27
CA ALA B 165 -8.90 6.10 20.60
C ALA B 165 -9.93 5.02 20.83
N ALA B 166 -10.92 5.29 21.67
CA ALA B 166 -11.99 4.31 21.94
C ALA B 166 -12.71 3.75 20.67
N ARG B 167 -12.83 4.57 19.63
CA ARG B 167 -13.47 4.17 18.36
C ARG B 167 -12.61 3.15 17.56
N ASN B 168 -11.32 3.11 17.91
CA ASN B 168 -10.34 2.17 17.34
C ASN B 168 -10.05 0.93 18.22
N VAL B 169 -10.91 0.65 19.19
CA VAL B 169 -10.81 -0.59 19.96
C VAL B 169 -12.07 -1.39 19.68
N LEU B 170 -11.92 -2.65 19.26
CA LEU B 170 -13.08 -3.52 19.00
C LEU B 170 -13.41 -4.41 20.17
N VAL B 171 -14.70 -4.69 20.31
CA VAL B 171 -15.25 -5.63 21.29
C VAL B 171 -15.51 -7.03 20.67
N LYS B 172 -14.69 -8.02 21.06
CA LYS B 172 -14.85 -9.42 20.69
C LYS B 172 -15.93 -10.09 21.56
N THR B 173 -15.81 -9.88 22.87
CA THR B 173 -16.91 -10.12 23.84
C THR B 173 -16.78 -9.01 24.89
N PRO B 174 -17.80 -8.81 25.73
CA PRO B 174 -17.68 -7.75 26.73
C PRO B 174 -16.46 -7.85 27.66
N GLN B 175 -15.87 -9.04 27.77
CA GLN B 175 -14.72 -9.29 28.64
C GLN B 175 -13.36 -9.24 27.89
N HIS B 176 -13.37 -8.99 26.58
CA HIS B 176 -12.20 -9.19 25.72
C HIS B 176 -12.17 -8.20 24.55
N VAL B 177 -11.29 -7.19 24.65
CA VAL B 177 -11.19 -6.14 23.63
C VAL B 177 -9.82 -6.17 22.93
N LYS B 178 -9.79 -5.58 21.74
CA LYS B 178 -8.58 -5.56 20.89
C LYS B 178 -8.38 -4.24 20.14
N ILE B 179 -7.12 -3.80 20.08
CA ILE B 179 -6.72 -2.59 19.39
C ILE B 179 -6.65 -2.87 17.90
N THR B 180 -7.20 -1.98 17.10
CA THR B 180 -7.18 -2.11 15.65
C THR B 180 -6.90 -0.74 15.01
N ASP B 181 -7.12 -0.66 13.70
CA ASP B 181 -7.16 0.62 12.96
C ASP B 181 -5.72 1.18 12.84
N PHE B 182 -4.93 0.45 12.04
CA PHE B 182 -3.50 0.70 11.90
C PHE B 182 -3.09 1.60 10.71
N GLY B 183 -4.05 2.26 10.08
CA GLY B 183 -3.78 3.19 8.97
C GLY B 183 -2.72 4.27 9.22
N ARG B 184 -2.63 4.77 10.46
CA ARG B 184 -1.64 5.79 10.86
C ARG B 184 -0.37 5.26 11.55
N ALA B 185 -0.25 3.95 11.74
CA ALA B 185 0.87 3.38 12.52
C ALA B 185 2.18 3.37 11.75
N LYS B 186 3.26 3.59 12.49
CA LYS B 186 4.61 3.64 11.92
C LYS B 186 5.55 2.74 12.72
N LEU B 187 6.36 1.99 11.96
CA LEU B 187 7.34 1.07 12.51
C LEU B 187 8.67 1.80 12.63
N LEU B 188 9.02 2.19 13.86
CA LEU B 188 10.33 2.80 14.12
C LEU B 188 11.50 1.81 13.84
N GLY B 189 12.61 2.32 13.33
CA GLY B 189 13.87 1.57 13.30
C GLY B 189 14.44 1.33 14.71
N ALA B 190 15.34 0.35 14.81
CA ALA B 190 15.93 0.00 16.10
C ALA B 190 16.54 1.21 16.81
N GLU B 191 16.16 1.38 18.09
CA GLU B 191 16.64 2.47 18.97
CA GLU B 191 16.65 2.46 18.97
C GLU B 191 16.29 3.91 18.56
N GLU B 192 15.54 4.06 17.45
CA GLU B 192 15.04 5.37 17.02
C GLU B 192 13.88 5.73 17.93
N LYS B 193 13.82 6.99 18.34
CA LYS B 193 12.86 7.45 19.35
C LYS B 193 11.60 8.05 18.74
N GLU B 194 11.74 8.75 17.62
CA GLU B 194 10.71 9.65 17.10
C GLU B 194 10.33 9.31 15.68
N TYR B 195 9.05 9.50 15.34
CA TYR B 195 8.60 9.59 13.95
C TYR B 195 8.24 11.06 13.66
N HIS B 196 8.87 11.64 12.64
CA HIS B 196 8.57 13.00 12.19
C HIS B 196 7.57 12.89 11.04
N ALA B 197 6.34 13.36 11.27
CA ALA B 197 5.27 13.21 10.27
C ALA B 197 5.23 14.37 9.29
N GLU B 198 4.80 14.07 8.06
CA GLU B 198 4.37 15.10 7.10
C GLU B 198 3.06 15.78 7.52
N GLY B 199 2.67 16.80 6.76
CA GLY B 199 1.40 17.49 6.94
C GLY B 199 0.22 16.73 6.39
N GLY B 200 -0.96 17.03 6.93
CA GLY B 200 -2.19 16.32 6.62
C GLY B 200 -3.24 16.53 7.71
N LYS B 201 -4.29 15.71 7.67
CA LYS B 201 -5.40 15.83 8.62
C LYS B 201 -5.20 14.82 9.76
N VAL B 202 -5.33 15.31 10.99
CA VAL B 202 -4.97 14.55 12.20
C VAL B 202 -5.99 14.74 13.32
N PRO B 203 -6.13 13.72 14.21
CA PRO B 203 -7.10 13.79 15.30
C PRO B 203 -6.60 14.62 16.50
N ILE B 204 -6.66 15.94 16.38
CA ILE B 204 -6.06 16.88 17.36
C ILE B 204 -6.40 16.54 18.82
N LYS B 205 -7.65 16.16 19.08
CA LYS B 205 -8.13 16.02 20.47
C LYS B 205 -7.62 14.78 21.21
N TRP B 206 -6.96 13.88 20.49
CA TRP B 206 -6.30 12.71 21.06
C TRP B 206 -4.75 12.84 21.08
N MET B 207 -4.22 13.93 20.53
CA MET B 207 -2.77 14.08 20.33
C MET B 207 -2.03 14.80 21.45
N ALA B 208 -0.79 14.37 21.65
CA ALA B 208 0.12 15.01 22.57
C ALA B 208 0.50 16.37 21.98
N LEU B 209 0.85 17.32 22.86
CA LEU B 209 1.18 18.68 22.46
C LEU B 209 2.31 18.76 21.46
N GLU B 210 3.37 17.99 21.69
CA GLU B 210 4.50 17.86 20.76
C GLU B 210 4.11 17.35 19.34
N SER B 211 3.05 16.55 19.27
CA SER B 211 2.55 16.05 18.01
C SER B 211 1.80 17.15 17.26
N ILE B 212 1.10 18.00 18.01
CA ILE B 212 0.35 19.10 17.41
C ILE B 212 1.30 20.18 16.90
N LEU B 213 2.24 20.60 17.75
CA LEU B 213 3.15 21.69 17.43
C LEU B 213 4.24 21.27 16.44
N HIS B 214 4.84 20.10 16.65
CA HIS B 214 6.07 19.71 15.92
C HIS B 214 5.94 18.49 15.01
N ARG B 215 4.75 17.88 14.98
CA ARG B 215 4.49 16.65 14.24
C ARG B 215 5.43 15.50 14.62
N ILE B 216 5.77 15.44 15.92
CA ILE B 216 6.60 14.36 16.49
C ILE B 216 5.73 13.35 17.24
N TYR B 217 5.87 12.08 16.88
CA TYR B 217 5.17 10.96 17.53
C TYR B 217 6.14 9.95 18.14
N THR B 218 5.81 9.44 19.32
CA THR B 218 6.59 8.47 20.02
C THR B 218 5.66 7.52 20.77
N HIS B 219 6.23 6.54 21.48
CA HIS B 219 5.44 5.70 22.35
C HIS B 219 4.79 6.52 23.46
N GLN B 220 5.46 7.59 23.87
CA GLN B 220 4.96 8.45 24.93
C GLN B 220 3.87 9.40 24.48
N SER B 221 3.84 9.78 23.19
CA SER B 221 2.67 10.49 22.66
C SER B 221 1.48 9.52 22.53
N ASP B 222 1.76 8.24 22.19
CA ASP B 222 0.75 7.13 22.26
C ASP B 222 0.20 6.96 23.70
N VAL B 223 1.07 7.10 24.70
CA VAL B 223 0.61 7.18 26.09
C VAL B 223 -0.36 8.34 26.34
N TRP B 224 -0.14 9.50 25.72
CA TRP B 224 -1.07 10.63 25.86
C TRP B 224 -2.45 10.25 25.31
N SER B 225 -2.48 9.66 24.12
CA SER B 225 -3.72 9.22 23.50
C SER B 225 -4.42 8.17 24.38
N TYR B 226 -3.63 7.26 24.96
CA TYR B 226 -4.18 6.23 25.85
C TYR B 226 -4.98 6.84 27.00
N GLY B 227 -4.44 7.90 27.61
CA GLY B 227 -5.16 8.64 28.65
C GLY B 227 -6.47 9.25 28.18
N VAL B 228 -6.47 9.84 26.99
CA VAL B 228 -7.73 10.33 26.39
C VAL B 228 -8.72 9.13 26.21
N THR B 229 -8.23 8.01 25.65
CA THR B 229 -9.06 6.80 25.51
C THR B 229 -9.67 6.31 26.84
N VAL B 230 -8.88 6.30 27.90
CA VAL B 230 -9.41 5.97 29.23
C VAL B 230 -10.53 6.93 29.62
N TRP B 231 -10.32 8.22 29.35
CA TRP B 231 -11.30 9.27 29.68
C TRP B 231 -12.61 9.08 28.91
N GLU B 232 -12.53 8.68 27.65
CA GLU B 232 -13.74 8.33 26.86
C GLU B 232 -14.50 7.19 27.53
N LEU B 233 -13.77 6.16 27.94
CA LEU B 233 -14.36 5.01 28.63
C LEU B 233 -14.98 5.43 29.96
N MET B 234 -14.25 6.15 30.82
CA MET B 234 -14.80 6.53 32.14
C MET B 234 -16.01 7.46 32.06
N THR B 235 -16.15 8.22 30.98
CA THR B 235 -17.35 9.05 30.74
C THR B 235 -18.46 8.37 29.90
N PHE B 236 -18.30 7.07 29.63
CA PHE B 236 -19.18 6.30 28.72
C PHE B 236 -19.39 6.97 27.36
N GLY B 237 -18.30 7.51 26.80
CA GLY B 237 -18.25 7.96 25.41
C GLY B 237 -18.50 9.42 25.12
N SER B 238 -18.21 10.29 26.11
CA SER B 238 -18.26 11.73 25.88
C SER B 238 -17.19 12.11 24.90
N LYS B 239 -17.46 13.12 24.08
CA LYS B 239 -16.46 13.70 23.20
C LYS B 239 -15.50 14.56 24.05
N PRO B 240 -14.19 14.41 23.84
CA PRO B 240 -13.22 15.22 24.59
C PRO B 240 -13.27 16.70 24.16
N TYR B 241 -13.02 17.60 25.12
CA TYR B 241 -12.99 19.05 24.86
C TYR B 241 -14.25 19.49 24.09
N ASP B 242 -15.42 19.11 24.62
CA ASP B 242 -16.70 19.31 23.94
C ASP B 242 -17.08 20.78 23.95
N GLY B 243 -17.09 21.39 22.77
CA GLY B 243 -17.36 22.82 22.61
C GLY B 243 -16.16 23.58 22.07
N ILE B 244 -14.98 23.29 22.62
CA ILE B 244 -13.74 23.98 22.26
C ILE B 244 -13.31 23.52 20.84
N PRO B 245 -13.11 24.48 19.91
CA PRO B 245 -12.76 24.08 18.55
C PRO B 245 -11.32 23.59 18.42
N ALA B 246 -11.07 22.74 17.42
CA ALA B 246 -9.78 22.04 17.25
C ALA B 246 -8.58 22.97 17.20
N SER B 247 -8.73 24.09 16.49
CA SER B 247 -7.67 25.09 16.36
C SER B 247 -7.31 25.81 17.67
N GLU B 248 -8.22 25.78 18.66
CA GLU B 248 -7.96 26.32 20.00
C GLU B 248 -7.20 25.38 20.94
N ILE B 249 -6.98 24.11 20.56
CA ILE B 249 -6.59 23.05 21.51
C ILE B 249 -5.17 23.20 22.07
N SER B 250 -4.19 23.49 21.21
CA SER B 250 -2.81 23.66 21.66
C SER B 250 -2.65 24.85 22.61
N SER B 251 -3.44 25.91 22.38
CA SER B 251 -3.46 27.07 23.26
C SER B 251 -3.89 26.67 24.66
N ILE B 252 -5.02 25.96 24.78
CA ILE B 252 -5.54 25.56 26.10
C ILE B 252 -4.63 24.56 26.80
N LEU B 253 -4.03 23.63 26.03
CA LEU B 253 -3.03 22.69 26.58
C LEU B 253 -1.80 23.39 27.17
N GLU B 254 -1.23 24.34 26.44
CA GLU B 254 -0.09 25.16 26.92
C GLU B 254 -0.43 25.99 28.18
N LYS B 255 -1.64 26.56 28.20
CA LYS B 255 -2.19 27.22 29.40
C LYS B 255 -2.45 26.29 30.62
N GLY B 256 -2.43 24.97 30.42
CA GLY B 256 -2.56 23.98 31.50
C GLY B 256 -3.90 23.28 31.66
N GLU B 257 -4.87 23.61 30.81
CA GLU B 257 -6.19 22.96 30.86
C GLU B 257 -6.12 21.53 30.30
N ARG B 258 -6.85 20.62 30.95
CA ARG B 258 -6.95 19.21 30.59
C ARG B 258 -8.39 18.75 30.72
N LEU B 259 -8.66 17.52 30.26
CA LEU B 259 -9.99 16.92 30.31
C LEU B 259 -10.43 16.76 31.76
N PRO B 260 -11.72 17.01 32.06
CA PRO B 260 -12.15 17.08 33.46
C PRO B 260 -12.32 15.70 34.09
N GLN B 261 -12.27 15.63 35.41
CA GLN B 261 -12.48 14.38 36.13
C GLN B 261 -13.86 13.80 35.83
N PRO B 262 -13.91 12.57 35.25
CA PRO B 262 -15.22 11.93 35.08
C PRO B 262 -15.89 11.63 36.43
N PRO B 263 -17.21 11.83 36.53
CA PRO B 263 -18.04 11.55 37.72
C PRO B 263 -17.78 10.27 38.47
N ILE B 264 -17.48 9.18 37.76
CA ILE B 264 -17.26 7.88 38.43
C ILE B 264 -15.85 7.67 38.99
N CYS B 265 -14.89 8.48 38.56
CA CYS B 265 -13.48 8.28 38.90
C CYS B 265 -13.16 8.83 40.29
N THR B 266 -12.51 8.02 41.12
CA THR B 266 -11.80 8.52 42.29
C THR B 266 -10.52 9.18 41.82
N ILE B 267 -9.90 9.97 42.70
CA ILE B 267 -8.76 10.79 42.34
C ILE B 267 -7.59 9.95 41.82
N ASP B 268 -7.39 8.74 42.36
CA ASP B 268 -6.31 7.85 41.93
C ASP B 268 -6.39 7.42 40.45
N VAL B 269 -7.58 7.28 39.89
CA VAL B 269 -7.75 6.94 38.46
C VAL B 269 -7.47 8.19 37.64
N TYR B 270 -8.05 9.33 38.06
CA TYR B 270 -7.83 10.63 37.40
C TYR B 270 -6.36 11.13 37.39
N MET B 271 -5.63 10.90 38.47
CA MET B 271 -4.20 11.19 38.50
CA MET B 271 -4.20 11.20 38.49
C MET B 271 -3.41 10.38 37.44
N ILE B 272 -3.79 9.13 37.23
CA ILE B 272 -3.14 8.31 36.19
C ILE B 272 -3.40 8.95 34.82
N MET B 273 -4.63 9.34 34.57
CA MET B 273 -5.01 10.06 33.37
C MET B 273 -4.20 11.35 33.22
N ARG B 274 -4.17 12.18 34.26
CA ARG B 274 -3.40 13.42 34.26
C ARG B 274 -1.88 13.24 34.07
N LYS B 275 -1.30 12.20 34.65
CA LYS B 275 0.12 11.90 34.38
C LYS B 275 0.38 11.62 32.88
N CYS B 276 -0.58 11.00 32.19
CA CYS B 276 -0.43 10.71 30.75
C CYS B 276 -0.38 12.01 29.92
N TRP B 277 -0.97 13.09 30.42
CA TRP B 277 -1.01 14.37 29.69
C TRP B 277 -0.04 15.46 30.19
N MET B 278 1.06 15.07 30.82
CA MET B 278 2.08 16.07 31.19
C MET B 278 2.91 16.51 29.98
N ILE B 279 3.48 17.70 30.08
CA ILE B 279 4.21 18.33 28.95
C ILE B 279 5.44 17.52 28.61
N ASP B 280 6.25 17.20 29.61
CA ASP B 280 7.41 16.33 29.38
C ASP B 280 6.97 14.88 29.14
N ALA B 281 7.23 14.37 27.93
CA ALA B 281 6.75 13.05 27.52
C ALA B 281 7.38 11.89 28.33
N ASP B 282 8.61 12.09 28.78
CA ASP B 282 9.28 11.09 29.62
C ASP B 282 8.78 11.07 31.08
N SER B 283 8.09 12.14 31.52
CA SER B 283 7.42 12.15 32.83
C SER B 283 6.05 11.43 32.81
N ARG B 284 5.57 11.11 31.61
CA ARG B 284 4.36 10.33 31.47
C ARG B 284 4.67 8.90 31.86
N PRO B 285 3.68 8.17 32.38
CA PRO B 285 3.94 6.77 32.64
C PRO B 285 4.30 6.01 31.38
N LYS B 286 4.71 4.75 31.55
CA LYS B 286 4.96 3.82 30.44
C LYS B 286 3.79 2.86 30.40
N PHE B 287 3.56 2.21 29.26
CA PHE B 287 2.50 1.18 29.18
C PHE B 287 2.65 0.06 30.21
N ARG B 288 3.86 -0.44 30.41
CA ARG B 288 4.14 -1.50 31.43
C ARG B 288 3.76 -1.12 32.86
N GLU B 289 3.99 0.15 33.23
CA GLU B 289 3.56 0.69 34.52
C GLU B 289 2.05 0.77 34.58
N LEU B 290 1.43 1.21 33.48
CA LEU B 290 -0.04 1.31 33.42
C LEU B 290 -0.72 -0.04 33.55
N ILE B 291 -0.15 -1.10 32.97
CA ILE B 291 -0.65 -2.48 33.16
C ILE B 291 -0.64 -2.91 34.65
N ILE B 292 0.45 -2.61 35.33
CA ILE B 292 0.61 -2.94 36.75
C ILE B 292 -0.37 -2.15 37.63
N GLU B 293 -0.46 -0.86 37.38
CA GLU B 293 -1.34 0.02 38.17
C GLU B 293 -2.84 -0.29 37.97
N PHE B 294 -3.25 -0.53 36.73
CA PHE B 294 -4.67 -0.84 36.47
C PHE B 294 -5.05 -2.25 36.91
N SER B 295 -4.11 -3.19 36.81
CA SER B 295 -4.27 -4.55 37.38
C SER B 295 -4.59 -4.52 38.88
N LYS B 296 -3.79 -3.77 39.63
CA LYS B 296 -4.03 -3.54 41.07
C LYS B 296 -5.47 -3.05 41.36
N MET B 297 -5.92 -2.07 40.59
CA MET B 297 -7.23 -1.49 40.79
C MET B 297 -8.34 -2.45 40.40
N ALA B 298 -8.12 -3.21 39.33
CA ALA B 298 -9.06 -4.24 38.89
C ALA B 298 -9.27 -5.33 39.96
N ARG B 299 -8.28 -5.56 40.83
CA ARG B 299 -8.44 -6.47 41.99
C ARG B 299 -9.47 -6.02 43.06
N ASP B 300 -9.85 -4.74 43.07
CA ASP B 300 -10.86 -4.20 44.01
C ASP B 300 -11.64 -3.06 43.35
N PRO B 301 -12.35 -3.37 42.24
CA PRO B 301 -12.75 -2.33 41.30
C PRO B 301 -13.65 -1.21 41.87
N GLN B 302 -14.51 -1.54 42.84
CA GLN B 302 -15.49 -0.58 43.43
C GLN B 302 -14.90 0.48 44.37
N ARG B 303 -13.68 0.24 44.83
CA ARG B 303 -12.93 1.23 45.58
C ARG B 303 -12.49 2.40 44.68
N TYR B 304 -12.24 2.12 43.40
CA TYR B 304 -11.59 3.05 42.46
C TYR B 304 -12.53 3.73 41.47
N LEU B 305 -13.61 3.04 41.11
CA LEU B 305 -14.70 3.64 40.36
C LEU B 305 -15.98 3.51 41.21
N VAL B 306 -16.73 4.59 41.35
CA VAL B 306 -17.94 4.62 42.14
C VAL B 306 -19.11 4.76 41.19
N ILE B 307 -19.69 3.61 40.83
CA ILE B 307 -20.86 3.54 39.95
C ILE B 307 -22.10 3.13 40.79
N GLN B 308 -23.21 3.84 40.58
CA GLN B 308 -24.48 3.51 41.26
C GLN B 308 -25.12 2.25 40.67
N GLY B 309 -25.42 1.28 41.52
CA GLY B 309 -25.99 0.02 41.08
C GLY B 309 -24.99 -0.96 40.52
N ASP B 310 -23.73 -0.83 40.93
CA ASP B 310 -22.62 -1.62 40.38
C ASP B 310 -22.85 -3.13 40.50
N GLU B 311 -23.25 -3.58 41.69
CA GLU B 311 -23.27 -5.02 42.00
C GLU B 311 -24.36 -5.84 41.31
N ARG B 312 -25.37 -5.18 40.74
CA ARG B 312 -26.46 -5.88 40.05
C ARG B 312 -26.52 -5.63 38.53
N MET B 313 -25.38 -5.30 37.92
CA MET B 313 -25.31 -5.04 36.48
C MET B 313 -24.93 -6.32 35.74
N HIS B 314 -25.66 -6.62 34.65
CA HIS B 314 -25.48 -7.84 33.85
C HIS B 314 -24.93 -7.46 32.47
N LEU B 315 -23.80 -8.03 32.07
CA LEU B 315 -23.38 -8.03 30.65
C LEU B 315 -23.23 -9.46 30.15
N PRO B 316 -23.58 -9.70 28.87
CA PRO B 316 -23.43 -11.02 28.28
C PRO B 316 -22.07 -11.68 28.50
N SER B 317 -22.10 -12.98 28.83
CA SER B 317 -20.88 -13.77 28.96
C SER B 317 -20.28 -14.09 27.58
N PRO B 318 -19.07 -14.67 27.55
CA PRO B 318 -18.53 -15.14 26.27
C PRO B 318 -19.44 -16.13 25.53
N THR B 319 -20.09 -17.05 26.26
CA THR B 319 -21.01 -18.02 25.66
C THR B 319 -22.31 -17.35 25.16
N ASP B 320 -22.80 -16.33 25.87
CA ASP B 320 -23.88 -15.46 25.35
C ASP B 320 -23.50 -14.76 24.02
N SER B 321 -22.24 -14.33 23.93
CA SER B 321 -21.77 -13.63 22.74
C SER B 321 -21.78 -14.55 21.53
N ASN B 322 -21.46 -15.83 21.75
CA ASN B 322 -21.56 -16.88 20.73
C ASN B 322 -23.00 -17.22 20.36
N PHE B 323 -23.89 -17.22 21.35
CA PHE B 323 -25.32 -17.39 21.11
C PHE B 323 -25.79 -16.26 20.19
N TYR B 324 -25.58 -15.03 20.61
CA TYR B 324 -25.92 -13.82 19.82
C TYR B 324 -25.38 -13.93 18.39
N ARG B 325 -24.15 -14.41 18.26
CA ARG B 325 -23.52 -14.64 16.97
C ARG B 325 -24.29 -15.66 16.14
N ALA B 326 -24.56 -16.83 16.72
CA ALA B 326 -25.34 -17.89 16.06
C ALA B 326 -26.73 -17.43 15.64
N LEU B 327 -27.37 -16.65 16.52
CA LEU B 327 -28.68 -16.03 16.25
C LEU B 327 -28.65 -15.12 15.00
N MET B 328 -27.66 -14.22 14.96
CA MET B 328 -27.52 -13.26 13.87
C MET B 328 -27.19 -13.98 12.56
N ASP B 329 -26.33 -14.99 12.63
CA ASP B 329 -25.98 -15.81 11.45
C ASP B 329 -27.17 -16.60 10.92
N GLU B 330 -28.08 -17.00 11.81
CA GLU B 330 -29.29 -17.73 11.42
C GLU B 330 -30.21 -16.86 10.54
N GLU B 331 -30.49 -15.63 10.99
CA GLU B 331 -31.33 -14.70 10.24
C GLU B 331 -30.65 -14.16 8.96
N ASP B 332 -29.36 -13.84 9.04
CA ASP B 332 -28.61 -13.40 7.84
C ASP B 332 -28.54 -14.46 6.74
N MET B 333 -28.43 -15.71 7.12
CA MET B 333 -28.43 -16.79 6.17
C MET B 333 -29.80 -17.06 5.59
N ASP B 334 -30.83 -16.75 6.37
CA ASP B 334 -32.20 -16.79 5.85
C ASP B 334 -32.45 -15.66 4.87
N ASP B 335 -31.86 -14.49 5.14
CA ASP B 335 -31.94 -13.34 4.24
C ASP B 335 -31.31 -13.62 2.87
N VAL B 336 -30.16 -14.31 2.82
CA VAL B 336 -29.53 -14.65 1.53
C VAL B 336 -30.35 -15.66 0.70
N VAL B 337 -31.10 -16.52 1.39
CA VAL B 337 -32.15 -17.35 0.77
C VAL B 337 -33.33 -16.49 0.27
N ASP B 338 -33.69 -15.46 1.05
CA ASP B 338 -34.69 -14.44 0.68
C ASP B 338 -36.12 -15.00 0.67
C1 GOL C . 4.19 1.05 -6.92
O1 GOL C . 3.48 1.60 -8.03
C2 GOL C . 5.05 -0.13 -7.38
O2 GOL C . 6.16 0.36 -8.12
C3 GOL C . 5.55 -0.90 -6.17
O3 GOL C . 6.76 -1.60 -6.49
F QCR D . 8.46 2.92 -9.46
C16 QCR D . 7.98 2.25 -10.55
C15 QCR D . 8.63 0.85 -10.52
O QCR D . 8.53 0.32 -9.22
C14 QCR D . 10.17 0.89 -10.75
C13 QCR D . 10.60 1.95 -11.78
C17 QCR D . 8.44 3.02 -11.80
N6 QCR D . 9.88 3.22 -11.55
C10 QCR D . 10.48 4.36 -12.12
N4 QCR D . 9.87 5.59 -12.02
N5 QCR D . 11.75 4.31 -12.65
C11 QCR D . 12.34 5.46 -13.12
C12 QCR D . 11.71 6.68 -13.06
C9 QCR D . 10.44 6.75 -12.49
N3 QCR D . 9.74 7.98 -12.48
C8 QCR D . 8.32 8.16 -12.43
C7 QCR D . 7.33 7.20 -12.19
N7 QCR D . 7.92 9.45 -12.73
C18 QCR D . 6.57 9.79 -12.77
C19 QCR D . 5.57 8.87 -12.53
C1 QCR D . 4.22 9.25 -12.56
N QCR D . 3.76 10.56 -12.90
C QCR D . 2.33 10.80 -13.19
C6 QCR D . 5.96 7.54 -12.21
C2 QCR D . 4.94 6.62 -11.94
N2 QCR D . 3.62 7.06 -12.00
N1 QCR D . 3.28 8.28 -12.29
C3 QCR D . 5.08 5.15 -11.61
C5 QCR D . 4.88 4.32 -12.90
C4 QCR D . 4.05 4.75 -10.56
C1 GOL E . -16.15 2.13 7.89
O1 GOL E . -16.70 1.70 9.14
C2 GOL E . -14.72 2.59 8.12
O2 GOL E . -13.97 1.55 8.76
C3 GOL E . -14.09 2.98 6.79
O3 GOL E . -12.67 3.21 6.89
F QCR F . -12.55 -1.58 9.28
C16 QCR F . -12.74 -0.94 10.47
C15 QCR F . -11.57 0.07 10.59
O QCR F . -11.36 0.77 9.36
C14 QCR F . -10.22 -0.65 10.83
C13 QCR F . -10.33 -1.79 11.85
C17 QCR F . -12.74 -2.04 11.56
N6 QCR F . -11.42 -2.71 11.44
C10 QCR F . -11.36 -4.02 11.97
N4 QCR F . -12.47 -4.81 12.01
N5 QCR F . -10.15 -4.60 12.32
C11 QCR F . -10.12 -5.92 12.76
C12 QCR F . -11.26 -6.68 12.82
C9 QCR F . -12.45 -6.11 12.42
N3 QCR F . -13.65 -6.83 12.56
C8 QCR F . -14.94 -6.29 12.77
C7 QCR F . -15.38 -4.95 12.62
N7 QCR F . -15.86 -7.23 13.18
C18 QCR F . -17.18 -6.87 13.43
C19 QCR F . -17.64 -5.57 13.30
C1 QCR F . -18.98 -5.25 13.57
N QCR F . -19.96 -6.17 14.00
C QCR F . -21.34 -5.76 14.29
C6 QCR F . -16.72 -4.58 12.89
C2 QCR F . -17.21 -3.27 12.76
N2 QCR F . -18.54 -3.02 13.06
N1 QCR F . -19.36 -3.94 13.41
C3 QCR F . -16.44 -2.03 12.35
C5 QCR F . -17.21 -1.16 11.35
C4 QCR F . -16.06 -1.26 13.63
#